data_4H63
#
_entry.id   4H63
#
_cell.length_a   145.600
_cell.length_b   145.600
_cell.length_c   241.620
_cell.angle_alpha   90.00
_cell.angle_beta   90.00
_cell.angle_gamma   120.00
#
_symmetry.space_group_name_H-M   'P 32 2 1'
#
loop_
_entity.id
_entity.type
_entity.pdbx_description
1 polymer 'Mediator of RNA polymerase II transcription subunit 6'
2 polymer 'Mediator of RNA polymerase II transcription subunit 8'
3 polymer 'Mediator of RNA polymerase II transcription subunit 11'
4 polymer 'Mediator of RNA polymerase II transcription subunit 17'
5 polymer 'Mediator of RNA polymerase II transcription subunit 18'
6 polymer 'Mediator of RNA polymerase II transcription subunit 22'
#
loop_
_entity_poly.entity_id
_entity_poly.type
_entity_poly.pdbx_seq_one_letter_code
_entity_poly.pdbx_strand_id
1 'polypeptide(L)'
;GSHMASGAPPSVDLTSIQWRMPEWVQSMGGLRTENVLEYFSQSPFYSHKSNNEMLKMQSQFNALDLGDLNSQLKRLTGIQ
FVIIHERPPFLWVIQKQNRLNENEVKPLTVYFVCNENIYMAPNAYTLLATRMLNATYCFQKALTKIEKFPQYNPQEGYTY
PKLSNDNLEVDHSNTNEPADENK
;
F
2 'polypeptide(L)'
;MEDISTEKTVESLEAIRHRIAQIVQSLTHFLAILHQSESLSPWPTIHKNFNILLSQIHSLSNNLAAHSHTLQTTSIYPSL
EFPVKEQEPLLTTLLRTKALPEVEEWEANTLQEYEASISSQPKKKEANDAYQKDQLWDQARIIFMEERENYSWFDFVTRR
QESEGEFVSQRQLEIDRATEEQNANQMLTDILSFMKSGKR
;
H
3 'polypeptide(L)'
;MTNSDDDLFSEKSTSSDTQQVQNILELEAKIPDILSSAGKCIEAIQLNNSLEDFRKYSKEFLETVEFISTGLRRQALELE
KAEVPVVSLQPKKRYASTPLSNLIFDQSSKLM
;
K
4 'polypeptide(L)'
;GNVLEFATLDSKRNVNDTEVESMDSQAYKKELIEQIMIAQTECSLALDMTSLLLSKFKENSIETISPFLKSTVPPSSLQF
SRSQPPESKESDATLAKCWKEKSLTSSCKFLFEAKERLTSVVETEHEYYTELVKVKEASWPLFNSQGSNHLSVQYSCLGG
ISLGLGLIRMKPESKSFEVQSSLLYSQAALKISILNKDRDEIGSSTWSWPSQNCNSVLLKDIYKLQEILFEMDIWNSLLQ
EAQSCGNQGVNFTGDEILVPISDDHVVRITLETSSKNTESGFTEDKKSNEDTSTNFVTIKQEKELLKCLCDTLNAIAHIL
FLKHCRKSDRRSQQPELYMAIDANAPLILRPLIFYYNLNQESLEFQRWLKQRDISFKFMPNYPWEKAKDFLELENSLSIN
RLSISWRIMVSNFEPAIFIQHTPTLHGTDKSVWRCKDQYSSNQFSSLKNVCQYIEHHINSLSRRSKKTE
;
Q
5 'polypeptide(L)'
;ASMQELYLLGVVPSRRFEAVVNSLSKTLDGPKTILEFWVVYRPKDVPPNLPRQPDSWLRLCSNIESHDETDTEWSKNTQW
SMYLEGNSEPKREDKCGIRPVNRAKLTNGSVTEFVEKMGYEFSHEYIIQGLEYFFFDTTVRIYQTLIPSQQRSIKPPFHP
MNEEQPWILHVYTHVADASNQVAMAKAEANLTKVKTLLSAFCDLKNVRL
;
R
6 'polypeptide(L)'
;SSDSFQRQLVQRTNTLNSSIDNATLTILSRFQDILDIAINEGKDKYTVAPEVYQIECHTVSMVRAVEQLLDVSRQIKSYW
LTNSLSTSFPTVDYSEPDLEKVKRTLTKLQNHLLEVSLIEPEASETTEAPTVSDT
;
V
#
# COMPACT_ATOMS: atom_id res chain seq x y z
N ASP A 13 29.41 -17.97 -53.77
CA ASP A 13 29.92 -17.73 -52.42
C ASP A 13 31.17 -18.54 -52.19
N LEU A 14 32.19 -17.89 -51.64
CA LEU A 14 33.48 -18.50 -51.35
C LEU A 14 33.98 -18.14 -49.95
N THR A 15 33.31 -17.16 -49.31
CA THR A 15 33.64 -16.65 -47.99
C THR A 15 33.54 -17.74 -46.94
N SER A 16 32.47 -18.56 -47.00
CA SER A 16 32.21 -19.61 -46.02
C SER A 16 32.26 -21.03 -46.63
N ILE A 17 33.11 -21.21 -47.65
CA ILE A 17 33.25 -22.53 -48.24
C ILE A 17 34.61 -23.13 -47.87
N GLN A 18 34.62 -24.46 -47.66
CA GLN A 18 35.78 -25.26 -47.31
C GLN A 18 36.05 -26.24 -48.44
N TRP A 19 37.14 -25.97 -49.19
CA TRP A 19 37.51 -26.79 -50.32
C TRP A 19 38.65 -27.72 -49.94
N ARG A 20 38.54 -28.98 -50.34
CA ARG A 20 39.56 -29.99 -50.09
C ARG A 20 39.59 -31.00 -51.25
N MET A 21 40.79 -31.49 -51.56
CA MET A 21 41.05 -32.50 -52.58
C MET A 21 42.06 -33.51 -52.02
N PRO A 22 41.59 -34.55 -51.28
CA PRO A 22 42.54 -35.52 -50.73
C PRO A 22 43.20 -36.41 -51.78
N GLU A 23 42.58 -36.55 -52.97
CA GLU A 23 43.07 -37.34 -54.10
C GLU A 23 44.37 -36.76 -54.64
N TRP A 24 44.36 -35.45 -55.02
CA TRP A 24 45.53 -34.74 -55.51
C TRP A 24 46.67 -34.82 -54.52
N VAL A 25 46.41 -34.44 -53.22
CA VAL A 25 47.40 -34.45 -52.13
C VAL A 25 48.11 -35.81 -52.12
N GLN A 26 47.33 -36.91 -51.98
CA GLN A 26 47.78 -38.30 -51.97
C GLN A 26 48.64 -38.64 -53.21
N SER A 27 48.20 -38.17 -54.40
CA SER A 27 48.88 -38.41 -55.67
C SER A 27 50.11 -37.51 -55.85
N MET A 28 50.41 -36.63 -54.88
CA MET A 28 51.56 -35.72 -54.97
C MET A 28 52.57 -35.96 -53.83
N GLY A 29 52.22 -36.91 -52.96
CA GLY A 29 53.01 -37.30 -51.79
C GLY A 29 52.99 -36.27 -50.69
N GLY A 30 51.78 -35.89 -50.26
CA GLY A 30 51.56 -34.89 -49.22
C GLY A 30 51.74 -33.44 -49.67
N LEU A 31 51.43 -32.51 -48.76
CA LEU A 31 51.58 -31.09 -49.04
C LEU A 31 52.82 -30.50 -48.39
N ARG A 32 53.50 -29.67 -49.19
CA ARG A 32 54.67 -28.91 -48.77
C ARG A 32 54.66 -27.55 -49.44
N THR A 33 55.52 -26.64 -48.93
CA THR A 33 55.60 -25.26 -49.42
C THR A 33 55.84 -25.18 -50.96
N GLU A 34 56.42 -26.22 -51.54
CA GLU A 34 56.71 -26.31 -52.98
C GLU A 34 55.47 -26.59 -53.84
N ASN A 35 54.52 -27.43 -53.36
CA ASN A 35 53.36 -27.82 -54.18
C ASN A 35 52.05 -27.21 -53.68
N VAL A 36 52.07 -26.53 -52.52
CA VAL A 36 50.87 -25.96 -51.88
C VAL A 36 50.14 -24.99 -52.83
N LEU A 37 50.86 -24.15 -53.62
CA LEU A 37 50.20 -23.20 -54.53
C LEU A 37 49.59 -23.91 -55.75
N GLU A 38 50.23 -25.00 -56.22
CA GLU A 38 49.73 -25.82 -57.32
C GLU A 38 48.44 -26.53 -56.87
N TYR A 39 48.33 -26.84 -55.56
CA TYR A 39 47.15 -27.46 -54.96
C TYR A 39 46.01 -26.45 -54.96
N PHE A 40 46.33 -25.20 -54.55
CA PHE A 40 45.42 -24.05 -54.48
C PHE A 40 44.88 -23.71 -55.88
N SER A 41 45.61 -24.12 -56.95
CA SER A 41 45.25 -23.91 -58.36
C SER A 41 43.95 -24.66 -58.73
N GLN A 42 43.73 -25.83 -58.08
CA GLN A 42 42.55 -26.66 -58.32
C GLN A 42 41.29 -26.09 -57.60
N SER A 43 41.51 -25.25 -56.56
CA SER A 43 40.45 -24.66 -55.74
C SER A 43 39.66 -23.57 -56.48
N PRO A 44 38.33 -23.42 -56.17
CA PRO A 44 37.54 -22.37 -56.83
C PRO A 44 37.91 -20.95 -56.35
N PHE A 45 38.94 -20.80 -55.50
CA PHE A 45 39.44 -19.51 -55.03
C PHE A 45 40.40 -18.93 -56.07
N TYR A 46 41.15 -19.80 -56.78
CA TYR A 46 42.14 -19.48 -57.79
C TYR A 46 41.50 -18.97 -59.10
N SER A 47 41.98 -17.80 -59.59
CA SER A 47 41.56 -17.22 -60.87
C SER A 47 42.66 -17.43 -61.90
N HIS A 48 42.30 -17.99 -63.08
CA HIS A 48 43.23 -18.31 -64.16
C HIS A 48 43.69 -17.05 -64.95
N LYS A 49 43.14 -15.88 -64.58
CA LYS A 49 43.49 -14.56 -65.12
C LYS A 49 44.89 -14.16 -64.63
N SER A 50 45.18 -14.46 -63.35
CA SER A 50 46.40 -14.18 -62.59
C SER A 50 47.72 -14.43 -63.36
N ASN A 51 48.79 -13.71 -62.93
CA ASN A 51 50.17 -13.73 -63.44
C ASN A 51 50.85 -15.09 -63.19
N ASN A 52 50.31 -15.89 -62.26
CA ASN A 52 50.77 -17.24 -61.90
C ASN A 52 50.58 -18.19 -63.07
N GLU A 53 49.46 -18.02 -63.82
CA GLU A 53 49.06 -18.83 -64.97
C GLU A 53 50.13 -18.81 -66.09
N MET A 54 50.54 -17.62 -66.56
CA MET A 54 51.55 -17.45 -67.61
C MET A 54 52.96 -17.83 -67.11
N LEU A 55 53.24 -17.64 -65.79
CA LEU A 55 54.53 -17.99 -65.21
C LEU A 55 54.53 -19.45 -64.73
N LEU A 69 60.62 -18.24 -59.01
CA LEU A 69 59.28 -17.86 -59.48
C LEU A 69 58.81 -16.57 -58.80
N ASN A 70 58.93 -16.49 -57.45
CA ASN A 70 58.54 -15.32 -56.64
C ASN A 70 59.37 -14.07 -57.00
N SER A 71 60.46 -14.29 -57.76
CA SER A 71 61.33 -13.26 -58.30
C SER A 71 60.75 -12.73 -59.61
N GLN A 72 60.17 -13.63 -60.43
CA GLN A 72 59.54 -13.30 -61.71
C GLN A 72 58.20 -12.57 -61.55
N LEU A 73 57.54 -12.72 -60.39
CA LEU A 73 56.28 -12.08 -60.06
C LEU A 73 56.48 -10.58 -59.75
N LYS A 74 57.69 -10.19 -59.28
CA LYS A 74 58.03 -8.80 -58.97
C LYS A 74 58.06 -7.95 -60.24
N ARG A 75 58.61 -8.55 -61.33
CA ARG A 75 58.75 -7.96 -62.66
C ARG A 75 57.39 -7.76 -63.32
N LEU A 76 56.41 -8.62 -63.02
CA LEU A 76 55.05 -8.54 -63.56
C LEU A 76 54.15 -7.57 -62.77
N THR A 77 52.92 -7.32 -63.28
CA THR A 77 51.85 -6.47 -62.72
C THR A 77 50.48 -7.17 -62.89
N GLY A 78 49.53 -6.86 -61.98
CA GLY A 78 48.20 -7.45 -61.97
C GLY A 78 48.02 -8.42 -60.81
N ILE A 79 47.04 -9.36 -60.94
CA ILE A 79 46.71 -10.34 -59.90
C ILE A 79 47.74 -11.50 -59.84
N GLN A 80 48.25 -11.74 -58.62
CA GLN A 80 49.22 -12.77 -58.33
C GLN A 80 48.96 -13.36 -56.94
N PHE A 81 49.09 -14.71 -56.84
CA PHE A 81 48.92 -15.52 -55.61
C PHE A 81 50.30 -15.92 -55.08
N VAL A 82 50.54 -15.63 -53.78
CA VAL A 82 51.81 -15.90 -53.09
C VAL A 82 51.57 -16.50 -51.68
N ILE A 83 52.57 -17.25 -51.16
CA ILE A 83 52.52 -17.80 -49.81
C ILE A 83 53.11 -16.73 -48.90
N ILE A 84 52.31 -16.22 -47.95
CA ILE A 84 52.74 -15.17 -47.03
C ILE A 84 53.34 -15.79 -45.74
N HIS A 85 52.80 -16.94 -45.29
CA HIS A 85 53.27 -17.66 -44.11
C HIS A 85 53.29 -19.17 -44.35
N GLU A 86 54.33 -19.84 -43.85
CA GLU A 86 54.52 -21.29 -43.98
C GLU A 86 54.84 -21.93 -42.64
N ARG A 87 54.14 -23.02 -42.31
CA ARG A 87 54.36 -23.84 -41.12
C ARG A 87 53.99 -25.32 -41.48
N PRO A 88 54.89 -26.07 -42.18
CA PRO A 88 54.55 -27.43 -42.59
C PRO A 88 54.52 -28.47 -41.45
N PRO A 89 53.76 -29.57 -41.61
CA PRO A 89 53.04 -30.01 -42.83
C PRO A 89 51.53 -29.78 -42.82
N PHE A 90 51.06 -28.78 -42.04
CA PHE A 90 49.64 -28.58 -41.93
C PHE A 90 49.13 -27.14 -42.14
N LEU A 91 50.00 -26.10 -42.16
CA LEU A 91 49.48 -24.73 -42.31
C LEU A 91 50.28 -23.89 -43.31
N TRP A 92 49.55 -23.30 -44.26
CA TRP A 92 50.05 -22.39 -45.29
C TRP A 92 49.08 -21.25 -45.50
N VAL A 93 49.54 -20.01 -45.40
CA VAL A 93 48.68 -18.85 -45.61
C VAL A 93 49.00 -18.28 -47.00
N ILE A 94 47.98 -18.21 -47.87
CA ILE A 94 48.11 -17.74 -49.24
C ILE A 94 47.42 -16.37 -49.42
N GLN A 95 48.13 -15.40 -50.08
CA GLN A 95 47.64 -14.04 -50.38
C GLN A 95 47.47 -13.75 -51.89
N LYS A 96 46.24 -13.42 -52.30
CA LYS A 96 45.93 -12.92 -53.64
C LYS A 96 46.24 -11.44 -53.56
N GLN A 97 46.96 -10.92 -54.55
CA GLN A 97 47.38 -9.52 -54.52
C GLN A 97 47.44 -8.94 -55.91
N ASN A 98 47.49 -7.60 -56.00
CA ASN A 98 47.64 -6.84 -57.22
C ASN A 98 49.00 -6.16 -57.18
N ARG A 99 49.85 -6.49 -58.15
CA ARG A 99 51.19 -5.92 -58.24
C ARG A 99 51.10 -4.62 -59.01
N LEU A 100 51.55 -3.54 -58.37
CA LEU A 100 51.55 -2.23 -58.98
C LEU A 100 52.89 -1.97 -59.66
N ASN A 101 53.98 -2.31 -58.96
CA ASN A 101 55.36 -2.17 -59.40
C ASN A 101 56.22 -3.31 -58.85
N GLU A 102 57.55 -3.23 -58.97
CA GLU A 102 58.44 -4.25 -58.40
C GLU A 102 58.65 -3.99 -56.89
N ASN A 103 58.05 -2.89 -56.37
CA ASN A 103 58.10 -2.49 -54.97
C ASN A 103 56.70 -2.51 -54.34
N GLU A 104 55.78 -1.64 -54.83
CA GLU A 104 54.41 -1.53 -54.32
C GLU A 104 53.50 -2.68 -54.78
N VAL A 105 52.72 -3.24 -53.84
CA VAL A 105 51.79 -4.33 -54.12
C VAL A 105 50.54 -4.20 -53.20
N LYS A 106 49.35 -4.19 -53.81
CA LYS A 106 48.08 -4.06 -53.11
C LYS A 106 47.55 -5.45 -52.76
N PRO A 107 47.39 -5.78 -51.44
CA PRO A 107 46.86 -7.12 -51.08
C PRO A 107 45.37 -7.21 -51.38
N LEU A 108 44.91 -8.35 -51.89
CA LEU A 108 43.51 -8.47 -52.26
C LEU A 108 42.69 -9.34 -51.29
N THR A 109 42.81 -10.68 -51.32
CA THR A 109 42.06 -11.56 -50.40
C THR A 109 43.03 -12.62 -49.84
N VAL A 110 42.86 -12.97 -48.55
CA VAL A 110 43.72 -13.93 -47.85
C VAL A 110 42.97 -15.29 -47.78
N TYR A 111 43.74 -16.38 -47.92
CA TYR A 111 43.35 -17.79 -47.91
C TYR A 111 44.31 -18.56 -47.02
N PHE A 112 43.88 -19.75 -46.50
CA PHE A 112 44.77 -20.60 -45.72
C PHE A 112 44.41 -22.07 -45.90
N VAL A 113 45.48 -22.90 -46.05
CA VAL A 113 45.48 -24.36 -46.21
C VAL A 113 45.82 -24.98 -44.87
N CYS A 114 44.78 -25.54 -44.26
CA CYS A 114 44.81 -26.13 -42.95
C CYS A 114 44.28 -27.57 -42.99
N ASN A 115 45.22 -28.52 -42.85
CA ASN A 115 45.06 -29.98 -42.88
C ASN A 115 44.48 -30.39 -44.26
N GLU A 116 45.18 -29.97 -45.32
CA GLU A 116 44.87 -30.17 -46.75
C GLU A 116 43.46 -29.59 -47.15
N ASN A 117 42.86 -28.74 -46.28
CA ASN A 117 41.59 -28.05 -46.50
C ASN A 117 41.86 -26.57 -46.70
N ILE A 118 41.26 -25.92 -47.73
CA ILE A 118 41.50 -24.49 -48.00
C ILE A 118 40.23 -23.68 -47.66
N TYR A 119 40.43 -22.65 -46.80
CA TYR A 119 39.43 -21.69 -46.33
C TYR A 119 39.79 -20.29 -46.82
N MET A 120 38.79 -19.38 -46.90
CA MET A 120 39.07 -18.01 -47.29
C MET A 120 39.01 -17.16 -46.04
N ALA A 121 40.19 -16.73 -45.54
CA ALA A 121 40.37 -15.93 -44.32
C ALA A 121 39.27 -14.88 -44.17
N PRO A 122 38.50 -15.00 -43.06
CA PRO A 122 37.36 -14.09 -42.86
C PRO A 122 37.74 -12.62 -42.70
N ASN A 123 36.84 -11.75 -43.17
CA ASN A 123 36.96 -10.30 -43.07
C ASN A 123 36.68 -9.93 -41.63
N ALA A 124 37.56 -9.13 -41.02
CA ALA A 124 37.40 -8.70 -39.64
C ALA A 124 36.02 -8.10 -39.37
N TYR A 125 35.54 -7.21 -40.28
CA TYR A 125 34.24 -6.58 -40.14
C TYR A 125 33.12 -7.58 -40.28
N THR A 126 32.97 -8.18 -41.48
CA THR A 126 31.84 -9.08 -41.70
C THR A 126 31.76 -10.21 -40.67
N LEU A 127 32.87 -10.64 -40.01
CA LEU A 127 32.65 -11.70 -39.01
C LEU A 127 32.13 -11.11 -37.66
N LEU A 128 32.62 -9.94 -37.25
CA LEU A 128 32.22 -9.30 -35.99
C LEU A 128 30.80 -8.75 -36.09
N ALA A 129 30.54 -8.02 -37.19
CA ALA A 129 29.25 -7.43 -37.50
C ALA A 129 28.17 -8.50 -37.56
N THR A 130 28.51 -9.71 -38.11
CA THR A 130 27.58 -10.84 -38.22
C THR A 130 27.21 -11.37 -36.83
N ARG A 131 28.21 -11.57 -35.95
CA ARG A 131 28.02 -12.08 -34.59
C ARG A 131 27.19 -11.11 -33.78
N MET A 132 27.45 -9.81 -33.94
CA MET A 132 26.68 -8.78 -33.30
C MET A 132 25.24 -8.74 -33.89
N LEU A 133 25.10 -9.03 -35.21
CA LEU A 133 23.80 -9.13 -35.89
C LEU A 133 23.03 -10.35 -35.35
N ASN A 134 23.73 -11.48 -35.08
CA ASN A 134 23.13 -12.70 -34.51
C ASN A 134 22.66 -12.40 -33.09
N ALA A 135 23.56 -11.81 -32.28
CA ALA A 135 23.32 -11.41 -30.89
C ALA A 135 22.15 -10.42 -30.80
N THR A 136 22.04 -9.44 -31.76
CA THR A 136 20.94 -8.49 -31.68
C THR A 136 19.60 -9.15 -32.06
N TYR A 137 19.62 -10.16 -32.95
CA TYR A 137 18.41 -10.85 -33.38
C TYR A 137 17.70 -11.47 -32.16
N CYS A 138 18.47 -12.16 -31.28
CA CYS A 138 18.02 -12.80 -30.05
C CYS A 138 17.30 -11.82 -29.17
N PHE A 139 17.91 -10.64 -28.94
CA PHE A 139 17.37 -9.57 -28.11
C PHE A 139 15.99 -9.19 -28.56
N GLN A 140 15.81 -8.85 -29.85
CA GLN A 140 14.50 -8.51 -30.39
C GLN A 140 13.51 -9.64 -30.16
N LYS A 141 13.90 -10.87 -30.56
CA LYS A 141 13.11 -12.08 -30.39
C LYS A 141 12.71 -12.26 -28.91
N ALA A 142 13.68 -12.04 -27.99
CA ALA A 142 13.51 -12.17 -26.54
C ALA A 142 12.51 -11.14 -26.01
N LEU A 143 12.68 -9.87 -26.40
CA LEU A 143 11.82 -8.79 -25.95
C LEU A 143 10.39 -8.92 -26.50
N THR A 144 10.21 -8.91 -27.84
CA THR A 144 8.91 -9.01 -28.54
C THR A 144 7.93 -9.97 -27.90
N LYS A 145 8.42 -11.17 -27.55
CA LYS A 145 7.62 -12.24 -26.96
C LYS A 145 7.14 -11.87 -25.54
N ILE A 146 8.07 -11.49 -24.64
CA ILE A 146 7.80 -11.20 -23.24
C ILE A 146 7.00 -9.87 -23.07
N GLU A 147 7.23 -8.83 -23.90
CA GLU A 147 6.53 -7.53 -23.85
C GLU A 147 4.99 -7.65 -23.90
N LYS A 148 4.50 -8.79 -24.37
CA LYS A 148 3.08 -9.08 -24.57
C LYS A 148 2.42 -9.68 -23.32
N PHE A 149 3.14 -10.57 -22.58
CA PHE A 149 2.67 -11.32 -21.41
C PHE A 149 2.17 -10.49 -20.20
N PRO A 150 2.99 -9.62 -19.52
CA PRO A 150 2.45 -8.92 -18.34
C PRO A 150 1.26 -8.01 -18.65
N GLN A 151 0.29 -7.99 -17.73
CA GLN A 151 -0.87 -7.11 -17.84
C GLN A 151 -0.77 -6.05 -16.76
N TYR A 152 -1.04 -4.79 -17.12
CA TYR A 152 -0.96 -3.72 -16.14
C TYR A 152 -2.34 -3.24 -15.72
N ASN A 153 -2.55 -3.20 -14.39
CA ASN A 153 -3.71 -2.62 -13.70
C ASN A 153 -3.12 -1.63 -12.67
N PRO A 154 -3.56 -0.35 -12.58
CA PRO A 154 -2.89 0.59 -11.65
C PRO A 154 -2.95 0.17 -10.19
N GLN A 155 -4.08 -0.42 -9.77
CA GLN A 155 -4.36 -0.91 -8.42
C GLN A 155 -3.55 -2.19 -8.12
N GLU A 156 -3.51 -3.12 -9.10
CA GLU A 156 -2.86 -4.43 -9.02
C GLU A 156 -1.37 -4.45 -9.45
N GLY A 157 -0.91 -3.41 -10.13
CA GLY A 157 0.45 -3.32 -10.64
C GLY A 157 0.64 -4.24 -11.83
N TYR A 158 1.87 -4.80 -11.99
CA TYR A 158 2.18 -5.75 -13.06
C TYR A 158 1.98 -7.20 -12.59
N THR A 159 1.01 -7.89 -13.19
CA THR A 159 0.68 -9.29 -12.88
C THR A 159 0.89 -10.15 -14.13
N TYR A 160 1.31 -11.42 -13.94
CA TYR A 160 1.57 -12.37 -15.04
C TYR A 160 0.37 -13.33 -15.21
N PRO A 161 -0.47 -13.19 -16.27
CA PRO A 161 -1.61 -14.10 -16.44
C PRO A 161 -1.22 -15.37 -17.17
N ASP B 3 52.10 -1.47 -40.98
CA ASP B 3 53.10 -1.12 -39.98
C ASP B 3 52.55 -0.06 -39.01
N ILE B 4 52.31 1.19 -39.51
CA ILE B 4 51.72 2.32 -38.74
C ILE B 4 50.22 2.01 -38.50
N SER B 5 49.57 1.49 -39.56
CA SER B 5 48.15 1.13 -39.65
C SER B 5 47.80 -0.17 -38.88
N THR B 6 48.79 -1.06 -38.64
CA THR B 6 48.52 -2.27 -37.86
C THR B 6 48.18 -1.83 -36.42
N GLU B 7 48.90 -0.82 -35.89
CA GLU B 7 48.68 -0.24 -34.55
C GLU B 7 47.29 0.36 -34.43
N LYS B 8 46.76 0.96 -35.51
CA LYS B 8 45.42 1.55 -35.59
C LYS B 8 44.34 0.48 -35.51
N THR B 9 44.55 -0.68 -36.19
CA THR B 9 43.63 -1.82 -36.18
C THR B 9 43.65 -2.44 -34.77
N VAL B 10 44.86 -2.71 -34.23
CA VAL B 10 45.11 -3.27 -32.89
C VAL B 10 44.37 -2.42 -31.84
N GLU B 11 44.62 -1.10 -31.83
CA GLU B 11 43.97 -0.16 -30.90
C GLU B 11 42.44 -0.17 -31.05
N SER B 12 41.94 -0.30 -32.30
CA SER B 12 40.50 -0.32 -32.57
C SER B 12 39.87 -1.63 -32.09
N LEU B 13 40.59 -2.75 -32.25
CA LEU B 13 40.15 -4.07 -31.81
C LEU B 13 40.08 -4.12 -30.28
N GLU B 14 41.05 -3.49 -29.59
CA GLU B 14 41.08 -3.39 -28.12
C GLU B 14 39.85 -2.64 -27.62
N ALA B 15 39.39 -1.65 -28.40
CA ALA B 15 38.19 -0.88 -28.11
C ALA B 15 36.93 -1.71 -28.37
N ILE B 16 37.00 -2.59 -29.39
CA ILE B 16 35.94 -3.53 -29.78
C ILE B 16 35.88 -4.66 -28.73
N ARG B 17 37.04 -5.30 -28.44
CA ARG B 17 37.19 -6.35 -27.42
C ARG B 17 36.58 -5.89 -26.09
N HIS B 18 36.78 -4.61 -25.73
CA HIS B 18 36.25 -4.05 -24.49
C HIS B 18 34.72 -3.98 -24.50
N ARG B 19 34.11 -3.48 -25.60
CA ARG B 19 32.64 -3.37 -25.67
C ARG B 19 32.02 -4.75 -25.67
N ILE B 20 32.67 -5.74 -26.33
CA ILE B 20 32.19 -7.13 -26.38
C ILE B 20 32.30 -7.74 -24.97
N ALA B 21 33.36 -7.42 -24.23
CA ALA B 21 33.53 -7.90 -22.86
C ALA B 21 32.41 -7.36 -21.92
N GLN B 22 32.12 -6.04 -21.98
CA GLN B 22 31.09 -5.37 -21.17
C GLN B 22 29.68 -5.93 -21.42
N ILE B 23 29.37 -6.25 -22.71
CA ILE B 23 28.07 -6.78 -23.12
C ILE B 23 27.94 -8.24 -22.65
N VAL B 24 29.05 -9.02 -22.69
CA VAL B 24 29.06 -10.43 -22.23
C VAL B 24 28.72 -10.45 -20.71
N GLN B 25 29.30 -9.49 -19.97
CA GLN B 25 29.11 -9.27 -18.53
C GLN B 25 27.66 -8.91 -18.21
N SER B 26 27.01 -8.02 -19.00
CA SER B 26 25.62 -7.67 -18.72
C SER B 26 24.68 -8.83 -19.04
N LEU B 27 25.07 -9.66 -20.03
CA LEU B 27 24.36 -10.86 -20.47
C LEU B 27 24.42 -11.94 -19.40
N THR B 28 25.61 -12.15 -18.77
CA THR B 28 25.79 -13.11 -17.68
C THR B 28 24.92 -12.68 -16.48
N HIS B 29 25.01 -11.37 -16.13
CA HIS B 29 24.25 -10.72 -15.06
C HIS B 29 22.75 -10.83 -15.26
N PHE B 30 22.26 -10.65 -16.53
CA PHE B 30 20.84 -10.77 -16.86
C PHE B 30 20.38 -12.18 -16.55
N LEU B 31 21.16 -13.17 -17.01
CA LEU B 31 20.90 -14.58 -16.78
C LEU B 31 20.85 -14.90 -15.28
N ALA B 32 21.84 -14.38 -14.52
CA ALA B 32 21.94 -14.54 -13.07
C ALA B 32 20.63 -14.12 -12.37
N ILE B 33 20.10 -12.91 -12.69
CA ILE B 33 18.84 -12.35 -12.16
C ILE B 33 17.63 -13.24 -12.49
N LEU B 34 17.60 -13.78 -13.71
CA LEU B 34 16.53 -14.62 -14.19
C LEU B 34 16.48 -15.97 -13.45
N HIS B 35 17.66 -16.51 -13.08
CA HIS B 35 17.80 -17.80 -12.42
C HIS B 35 17.35 -17.82 -10.94
N GLN B 36 17.34 -16.65 -10.25
CA GLN B 36 17.03 -16.53 -8.82
C GLN B 36 15.56 -16.75 -8.46
N SER B 37 14.62 -16.09 -9.16
CA SER B 37 13.19 -16.19 -8.84
C SER B 37 12.55 -17.55 -9.17
N GLU B 38 13.02 -18.25 -10.24
CA GLU B 38 12.46 -19.52 -10.75
C GLU B 38 10.94 -19.41 -10.80
N SER B 39 10.54 -18.35 -11.51
CA SER B 39 9.21 -17.79 -11.82
C SER B 39 9.51 -16.45 -12.47
N LEU B 40 9.23 -16.33 -13.79
CA LEU B 40 9.54 -15.13 -14.57
C LEU B 40 9.60 -13.88 -13.69
N SER B 41 10.84 -13.38 -13.53
CA SER B 41 11.29 -12.21 -12.77
C SER B 41 10.36 -10.99 -12.95
N PRO B 42 10.41 -9.99 -12.04
CA PRO B 42 9.50 -8.84 -12.18
C PRO B 42 9.67 -8.16 -13.54
N TRP B 43 8.53 -7.91 -14.22
CA TRP B 43 8.54 -7.25 -15.53
C TRP B 43 9.45 -6.00 -15.50
N PRO B 44 9.36 -5.04 -14.55
CA PRO B 44 10.28 -3.89 -14.60
C PRO B 44 11.77 -4.24 -14.64
N THR B 45 12.21 -5.36 -13.98
CA THR B 45 13.63 -5.77 -13.97
C THR B 45 14.01 -6.39 -15.32
N ILE B 46 13.10 -7.15 -15.96
CA ILE B 46 13.31 -7.74 -17.30
C ILE B 46 13.54 -6.56 -18.27
N HIS B 47 12.62 -5.57 -18.23
CA HIS B 47 12.67 -4.34 -19.01
C HIS B 47 13.94 -3.52 -18.68
N LYS B 48 14.28 -3.42 -17.37
CA LYS B 48 15.47 -2.72 -16.85
C LYS B 48 16.73 -3.31 -17.48
N ASN B 49 16.83 -4.65 -17.51
CA ASN B 49 17.98 -5.33 -18.08
C ASN B 49 17.98 -5.30 -19.61
N PHE B 50 16.82 -5.13 -20.26
CA PHE B 50 16.83 -5.02 -21.70
C PHE B 50 17.47 -3.70 -22.11
N ASN B 51 17.12 -2.59 -21.42
CA ASN B 51 17.68 -1.25 -21.66
C ASN B 51 19.18 -1.22 -21.44
N ILE B 52 19.69 -2.11 -20.54
CA ILE B 52 21.13 -2.22 -20.27
C ILE B 52 21.77 -2.78 -21.51
N LEU B 53 21.14 -3.78 -22.12
CA LEU B 53 21.63 -4.36 -23.36
C LEU B 53 21.58 -3.30 -24.45
N LEU B 54 20.44 -2.57 -24.55
CA LEU B 54 20.25 -1.48 -25.52
C LEU B 54 21.50 -0.60 -25.57
N SER B 55 21.86 0.02 -24.43
CA SER B 55 23.04 0.89 -24.28
C SER B 55 24.36 0.18 -24.65
N GLN B 56 24.49 -1.13 -24.38
CA GLN B 56 25.67 -1.93 -24.70
C GLN B 56 25.80 -2.19 -26.22
N ILE B 57 24.68 -2.58 -26.92
CA ILE B 57 24.70 -2.86 -28.37
C ILE B 57 24.85 -1.56 -29.11
N HIS B 58 24.21 -0.50 -28.62
CA HIS B 58 24.31 0.82 -29.24
C HIS B 58 25.77 1.29 -29.27
N SER B 59 26.56 0.97 -28.23
CA SER B 59 27.97 1.33 -28.18
C SER B 59 28.76 0.50 -29.20
N LEU B 60 28.50 -0.82 -29.25
CA LEU B 60 29.14 -1.75 -30.16
C LEU B 60 28.83 -1.46 -31.63
N SER B 61 27.57 -1.14 -32.00
CA SER B 61 27.26 -0.85 -33.41
C SER B 61 28.00 0.42 -33.89
N ASN B 62 28.05 1.44 -33.00
CA ASN B 62 28.72 2.72 -33.21
C ASN B 62 30.23 2.52 -33.25
N ASN B 63 30.76 1.59 -32.43
CA ASN B 63 32.18 1.27 -32.41
C ASN B 63 32.59 0.50 -33.67
N LEU B 64 31.75 -0.42 -34.14
CA LEU B 64 32.04 -1.21 -35.33
C LEU B 64 32.01 -0.37 -36.55
N ALA B 65 31.03 0.53 -36.64
CA ALA B 65 30.91 1.43 -37.77
C ALA B 65 32.02 2.51 -37.74
N ALA B 66 32.59 2.83 -36.55
CA ALA B 66 33.68 3.83 -36.38
C ALA B 66 34.96 3.38 -37.06
N HIS B 67 35.20 2.08 -37.05
CA HIS B 67 36.37 1.49 -37.68
C HIS B 67 35.90 0.61 -38.83
N SER B 68 34.75 0.98 -39.44
CA SER B 68 34.13 0.27 -40.56
C SER B 68 35.17 -0.11 -41.61
N HIS B 69 35.88 0.90 -42.17
CA HIS B 69 36.90 0.71 -43.20
C HIS B 69 38.12 -0.04 -42.64
N THR B 70 38.68 0.45 -41.50
CA THR B 70 39.84 -0.12 -40.76
C THR B 70 39.69 -1.65 -40.63
N LEU B 71 38.48 -2.12 -40.24
CA LEU B 71 38.16 -3.55 -40.06
C LEU B 71 37.93 -4.21 -41.41
N GLN B 72 37.04 -3.65 -42.23
CA GLN B 72 36.76 -4.17 -43.55
C GLN B 72 38.05 -4.44 -44.35
N THR B 73 39.14 -3.71 -44.01
CA THR B 73 40.46 -3.81 -44.65
C THR B 73 41.43 -4.76 -43.89
N THR B 74 40.91 -5.75 -43.12
CA THR B 74 41.75 -6.72 -42.39
C THR B 74 41.16 -8.16 -42.44
N SER B 75 42.05 -9.14 -42.61
CA SER B 75 41.74 -10.58 -42.72
C SER B 75 42.34 -11.37 -41.51
N ILE B 76 41.49 -12.13 -40.77
CA ILE B 76 41.99 -12.94 -39.66
C ILE B 76 42.17 -14.37 -40.16
N TYR B 77 43.27 -15.02 -39.72
CA TYR B 77 43.68 -16.38 -40.06
C TYR B 77 44.60 -16.93 -38.95
N PRO B 78 44.77 -18.26 -38.82
CA PRO B 78 45.65 -18.78 -37.75
C PRO B 78 47.10 -18.32 -37.87
N SER B 79 47.78 -18.15 -36.73
CA SER B 79 49.21 -17.88 -36.66
C SER B 79 49.92 -19.24 -36.59
N LEU B 80 51.19 -19.31 -36.99
CA LEU B 80 52.03 -20.52 -37.02
C LEU B 80 52.01 -21.32 -35.69
N GLU B 81 51.54 -20.65 -34.62
CA GLU B 81 51.41 -21.20 -33.26
C GLU B 81 50.08 -21.96 -33.02
N PHE B 82 49.06 -21.79 -33.89
CA PHE B 82 47.74 -22.40 -33.71
C PHE B 82 47.80 -23.94 -33.83
N PRO B 83 47.13 -24.69 -32.89
CA PRO B 83 47.14 -26.16 -32.95
C PRO B 83 46.21 -26.74 -34.05
N VAL B 84 46.42 -26.27 -35.29
CA VAL B 84 45.67 -26.59 -36.50
C VAL B 84 45.47 -28.10 -36.69
N LYS B 85 46.46 -28.94 -36.31
CA LYS B 85 46.40 -30.39 -36.45
C LYS B 85 45.23 -30.93 -35.66
N GLU B 86 45.40 -30.91 -34.35
CA GLU B 86 44.45 -31.42 -33.36
C GLU B 86 43.09 -30.72 -33.42
N GLN B 87 43.05 -29.38 -33.62
CA GLN B 87 41.74 -28.74 -33.53
C GLN B 87 41.54 -27.60 -34.51
N GLU B 88 41.18 -27.98 -35.74
CA GLU B 88 40.82 -27.02 -36.77
C GLU B 88 39.30 -26.71 -36.69
N PRO B 89 38.38 -27.63 -36.23
CA PRO B 89 36.96 -27.28 -36.16
C PRO B 89 36.65 -26.17 -35.17
N LEU B 90 37.48 -25.97 -34.15
CA LEU B 90 37.25 -24.86 -33.23
C LEU B 90 37.84 -23.61 -33.86
N LEU B 91 38.90 -23.81 -34.66
CA LEU B 91 39.51 -22.70 -35.39
C LEU B 91 38.46 -22.15 -36.33
N THR B 92 37.77 -23.06 -37.06
CA THR B 92 36.73 -22.76 -38.06
C THR B 92 35.55 -22.05 -37.38
N THR B 93 35.21 -22.47 -36.14
CA THR B 93 34.15 -21.88 -35.33
C THR B 93 34.57 -20.48 -34.89
N LEU B 94 35.81 -20.29 -34.38
CA LEU B 94 36.27 -18.96 -33.97
C LEU B 94 36.18 -17.97 -35.15
N LEU B 95 36.49 -18.47 -36.35
CA LEU B 95 36.50 -17.71 -37.59
C LEU B 95 35.18 -17.82 -38.39
N ARG B 96 34.11 -18.45 -37.80
CA ARG B 96 32.81 -18.57 -38.47
C ARG B 96 32.29 -17.20 -38.85
N THR B 97 32.04 -17.03 -40.15
CA THR B 97 31.52 -15.81 -40.77
C THR B 97 30.01 -15.94 -41.01
N LYS B 98 29.49 -17.18 -41.09
CA LYS B 98 28.07 -17.47 -41.34
C LYS B 98 27.20 -16.99 -40.18
N ALA B 99 25.99 -16.50 -40.53
CA ALA B 99 24.96 -16.02 -39.62
C ALA B 99 24.11 -17.18 -39.09
N LEU B 100 23.27 -16.90 -38.08
CA LEU B 100 22.37 -17.88 -37.47
C LEU B 100 21.29 -18.25 -38.45
N PRO B 101 20.91 -19.54 -38.50
CA PRO B 101 19.85 -19.96 -39.42
C PRO B 101 18.59 -19.10 -39.35
N GLU B 102 18.21 -18.71 -38.12
CA GLU B 102 17.05 -17.88 -37.81
C GLU B 102 17.21 -16.45 -38.38
N VAL B 103 18.47 -15.95 -38.40
CA VAL B 103 18.86 -14.64 -38.95
C VAL B 103 18.80 -14.73 -40.48
N GLU B 104 19.21 -15.89 -41.03
CA GLU B 104 19.21 -16.12 -42.50
C GLU B 104 17.78 -16.10 -43.01
N GLU B 105 16.89 -16.83 -42.31
CA GLU B 105 15.46 -16.95 -42.59
C GLU B 105 14.82 -15.59 -42.48
N TRP B 106 15.27 -14.77 -41.49
CA TRP B 106 14.78 -13.42 -41.28
C TRP B 106 15.03 -12.62 -42.55
N GLU B 107 16.30 -12.56 -43.02
CA GLU B 107 16.67 -11.84 -44.25
C GLU B 107 15.84 -12.35 -45.42
N ALA B 108 15.79 -13.68 -45.59
CA ALA B 108 15.04 -14.36 -46.64
C ALA B 108 13.58 -13.93 -46.67
N ASN B 109 12.93 -13.87 -45.51
CA ASN B 109 11.51 -13.51 -45.43
C ASN B 109 11.29 -12.04 -45.64
N THR B 110 12.15 -11.18 -45.04
CA THR B 110 12.00 -9.72 -45.19
C THR B 110 12.30 -9.35 -46.64
N LEU B 111 13.08 -10.18 -47.37
CA LEU B 111 13.36 -9.94 -48.79
C LEU B 111 12.18 -10.40 -49.64
N GLN B 112 11.51 -11.49 -49.22
CA GLN B 112 10.34 -12.04 -49.91
C GLN B 112 9.22 -10.99 -49.94
N GLU B 113 8.82 -10.51 -48.74
CA GLU B 113 7.79 -9.50 -48.49
C GLU B 113 8.03 -8.20 -49.27
N TYR B 114 9.30 -7.87 -49.54
CA TYR B 114 9.72 -6.70 -50.31
C TYR B 114 9.30 -6.84 -51.77
N GLU B 115 9.58 -8.01 -52.38
CA GLU B 115 9.22 -8.26 -53.78
C GLU B 115 7.74 -8.60 -53.92
N ALA B 116 7.12 -9.11 -52.83
CA ALA B 116 5.70 -9.43 -52.74
C ALA B 116 4.84 -8.17 -52.85
N SER B 117 5.31 -7.06 -52.24
CA SER B 117 4.65 -5.74 -52.27
C SER B 117 4.72 -5.13 -53.68
N ILE B 118 5.82 -5.43 -54.41
CA ILE B 118 6.05 -4.95 -55.78
C ILE B 118 5.56 -6.03 -56.76
N ALA B 127 14.95 4.71 -53.05
CA ALA B 127 16.30 5.17 -53.34
C ALA B 127 16.35 6.70 -53.53
N ASN B 128 15.52 7.25 -54.45
CA ASN B 128 15.44 8.69 -54.73
C ASN B 128 14.75 9.40 -53.58
N ASP B 129 13.68 8.78 -53.06
CA ASP B 129 12.86 9.28 -51.98
C ASP B 129 13.44 8.86 -50.62
N ALA B 130 14.41 7.92 -50.60
CA ALA B 130 15.07 7.42 -49.39
C ALA B 130 15.79 8.55 -48.64
N TYR B 131 16.44 9.46 -49.39
CA TYR B 131 17.12 10.62 -48.84
C TYR B 131 16.09 11.68 -48.42
N GLN B 132 15.00 11.78 -49.19
CA GLN B 132 13.92 12.74 -48.95
C GLN B 132 13.24 12.49 -47.60
N LYS B 133 12.97 11.19 -47.25
CA LYS B 133 12.32 10.84 -45.98
C LYS B 133 13.27 11.11 -44.82
N ASP B 134 14.57 10.84 -45.03
CA ASP B 134 15.60 11.06 -44.02
C ASP B 134 15.73 12.57 -43.69
N GLN B 135 15.70 13.43 -44.70
CA GLN B 135 15.81 14.87 -44.53
C GLN B 135 14.59 15.45 -43.75
N LEU B 136 13.50 14.65 -43.64
CA LEU B 136 12.28 14.98 -42.90
C LEU B 136 12.45 14.62 -41.43
N TRP B 137 12.97 13.40 -41.15
CA TRP B 137 13.24 12.86 -39.81
C TRP B 137 14.20 13.77 -39.06
N ASP B 138 15.13 14.39 -39.80
CA ASP B 138 16.13 15.32 -39.28
C ASP B 138 15.47 16.66 -38.92
N GLN B 139 14.56 17.13 -39.78
CA GLN B 139 13.85 18.37 -39.50
C GLN B 139 12.84 18.17 -38.35
N ALA B 140 12.34 16.92 -38.17
CA ALA B 140 11.43 16.54 -37.11
C ALA B 140 12.14 16.60 -35.75
N ARG B 141 13.39 16.08 -35.68
CA ARG B 141 14.21 16.10 -34.47
C ARG B 141 14.54 17.53 -34.09
N ILE B 142 14.82 18.39 -35.10
CA ILE B 142 15.13 19.80 -34.89
C ILE B 142 13.82 20.52 -34.42
N ILE B 143 12.62 20.12 -34.95
CA ILE B 143 11.30 20.66 -34.56
C ILE B 143 11.01 20.34 -33.10
N PHE B 144 11.20 19.07 -32.70
CA PHE B 144 10.94 18.62 -31.34
C PHE B 144 11.83 19.33 -30.34
N MET B 145 13.16 19.22 -30.49
CA MET B 145 14.13 19.86 -29.61
C MET B 145 13.91 21.37 -29.45
N GLU B 146 13.34 22.03 -30.48
CA GLU B 146 13.00 23.44 -30.45
C GLU B 146 11.78 23.66 -29.56
N GLU B 147 10.69 22.92 -29.88
CA GLU B 147 9.39 22.98 -29.22
C GLU B 147 9.43 22.55 -27.75
N ARG B 148 10.36 21.64 -27.39
CA ARG B 148 10.55 21.15 -26.01
C ARG B 148 10.97 22.29 -25.05
N GLU B 149 11.62 23.33 -25.58
CA GLU B 149 12.13 24.48 -24.83
C GLU B 149 11.07 25.58 -24.62
N ASN B 150 9.87 25.39 -25.17
CA ASN B 150 8.76 26.34 -25.03
C ASN B 150 7.89 26.00 -23.80
N TYR B 151 8.24 24.94 -23.06
CA TYR B 151 7.54 24.48 -21.88
C TYR B 151 8.51 24.37 -20.72
N SER B 152 7.99 24.55 -19.49
CA SER B 152 8.81 24.41 -18.29
C SER B 152 8.46 23.13 -17.57
N TRP B 153 9.50 22.41 -17.15
CA TRP B 153 9.41 21.12 -16.47
C TRP B 153 10.03 21.25 -15.08
N PHE B 154 9.50 20.44 -14.14
CA PHE B 154 9.90 20.32 -12.72
C PHE B 154 9.42 21.53 -11.90
N ARG B 171 7.79 25.92 -2.80
CA ARG B 171 8.23 25.30 -1.55
C ARG B 171 8.88 26.33 -0.62
N GLN B 172 8.61 27.63 -0.87
CA GLN B 172 9.05 28.74 -0.01
C GLN B 172 8.01 28.83 1.12
N LEU B 173 6.88 28.13 0.90
CA LEU B 173 5.76 27.89 1.82
C LEU B 173 6.21 26.93 2.92
N GLU B 174 7.16 26.00 2.59
CA GLU B 174 7.78 25.06 3.54
C GLU B 174 8.59 25.82 4.59
N ILE B 175 9.26 26.93 4.19
CA ILE B 175 10.06 27.83 5.03
C ILE B 175 9.12 28.61 5.96
N ASP B 176 7.90 28.97 5.47
CA ASP B 176 6.87 29.68 6.25
C ASP B 176 6.33 28.77 7.37
N ARG B 177 6.15 27.48 7.06
CA ARG B 177 5.68 26.44 7.97
C ARG B 177 6.77 26.01 8.96
N ALA B 178 8.05 26.16 8.55
CA ALA B 178 9.22 25.82 9.37
C ALA B 178 9.47 26.89 10.45
N THR B 179 9.37 28.20 10.08
CA THR B 179 9.56 29.36 10.97
C THR B 179 8.47 29.36 12.09
N GLU B 180 7.31 28.74 11.80
CA GLU B 180 6.14 28.57 12.67
C GLU B 180 6.50 27.62 13.84
N GLU B 181 7.25 26.54 13.55
CA GLU B 181 7.71 25.52 14.48
C GLU B 181 8.75 26.04 15.49
N GLN B 182 9.80 26.74 14.98
CA GLN B 182 10.90 27.27 15.79
C GLN B 182 10.45 28.34 16.80
N ASN B 183 9.59 29.31 16.39
CA ASN B 183 9.09 30.36 17.30
C ASN B 183 8.16 29.76 18.37
N ALA B 184 7.36 28.73 18.00
CA ALA B 184 6.45 28.03 18.90
C ALA B 184 7.22 27.15 19.91
N ASN B 185 8.40 26.61 19.52
CA ASN B 185 9.27 25.78 20.38
C ASN B 185 9.92 26.64 21.47
N GLN B 186 10.42 27.85 21.10
CA GLN B 186 11.01 28.84 22.01
C GLN B 186 9.91 29.39 22.91
N MET B 187 8.67 29.52 22.38
CA MET B 187 7.45 29.97 23.07
C MET B 187 7.05 28.95 24.13
N LEU B 188 7.20 27.64 23.80
CA LEU B 188 6.93 26.49 24.68
C LEU B 188 7.98 26.45 25.82
N THR B 189 9.27 26.76 25.51
CA THR B 189 10.40 26.78 26.45
C THR B 189 10.15 27.86 27.55
N ASP B 190 9.44 28.96 27.19
CA ASP B 190 9.09 30.08 28.08
C ASP B 190 7.88 29.76 28.98
N ILE B 191 6.84 29.04 28.46
CA ILE B 191 5.62 28.71 29.20
C ILE B 191 5.89 27.63 30.27
N LEU B 192 6.85 26.68 30.06
CA LEU B 192 7.14 25.64 31.06
C LEU B 192 7.77 26.26 32.33
N SER B 193 8.48 27.41 32.17
CA SER B 193 9.09 28.16 33.28
C SER B 193 8.00 28.89 34.09
N PHE B 194 6.96 29.44 33.41
CA PHE B 194 5.83 30.15 34.04
C PHE B 194 4.93 29.17 34.84
N MET B 195 4.78 27.93 34.36
CA MET B 195 3.96 26.90 35.01
C MET B 195 4.66 26.31 36.26
N LYS B 196 6.00 26.43 36.34
CA LYS B 196 6.76 25.92 37.48
C LYS B 196 7.20 27.06 38.42
N SER B 197 7.96 28.07 37.92
CA SER B 197 8.45 29.20 38.71
C SER B 197 7.48 30.40 38.67
N GLY B 198 7.11 30.86 37.46
CA GLY B 198 6.18 31.97 37.28
C GLY B 198 6.77 33.17 36.57
N LYS B 199 7.80 32.95 35.74
CA LYS B 199 8.49 33.97 34.97
C LYS B 199 7.65 34.38 33.76
N ARG B 200 7.29 35.67 33.69
CA ARG B 200 6.50 36.25 32.60
C ARG B 200 7.41 36.89 31.56
N SER C 15 -11.00 21.95 -3.21
CA SER C 15 -10.75 22.36 -1.83
C SER C 15 -10.86 21.18 -0.84
N SER C 16 -11.97 20.38 -0.91
CA SER C 16 -12.16 19.21 -0.06
C SER C 16 -11.35 18.03 -0.63
N ASP C 17 -11.14 16.98 0.17
CA ASP C 17 -10.37 15.79 -0.19
C ASP C 17 -10.99 15.03 -1.38
N THR C 18 -12.34 14.88 -1.40
CA THR C 18 -13.12 14.20 -2.44
C THR C 18 -13.06 15.00 -3.75
N GLN C 19 -12.99 16.35 -3.65
CA GLN C 19 -12.90 17.29 -4.78
C GLN C 19 -11.57 17.15 -5.50
N GLN C 20 -10.47 17.00 -4.75
CA GLN C 20 -9.13 16.86 -5.29
C GLN C 20 -8.94 15.55 -6.07
N VAL C 21 -9.65 14.48 -5.66
CA VAL C 21 -9.65 13.16 -6.33
C VAL C 21 -10.35 13.30 -7.69
N GLN C 22 -11.49 14.03 -7.71
CA GLN C 22 -12.29 14.30 -8.90
C GLN C 22 -11.45 15.00 -9.98
N ASN C 23 -10.46 15.82 -9.56
CA ASN C 23 -9.53 16.54 -10.42
C ASN C 23 -8.43 15.63 -10.97
N ILE C 24 -8.02 14.60 -10.18
CA ILE C 24 -7.01 13.61 -10.57
C ILE C 24 -7.60 12.75 -11.66
N LEU C 25 -8.89 12.34 -11.50
CA LEU C 25 -9.63 11.55 -12.49
C LEU C 25 -9.62 12.25 -13.86
N GLU C 26 -9.62 13.61 -13.83
CA GLU C 26 -9.55 14.49 -14.99
C GLU C 26 -8.18 14.33 -15.65
N LEU C 27 -7.08 14.45 -14.84
CA LEU C 27 -5.70 14.28 -15.30
C LEU C 27 -5.51 12.92 -15.94
N GLU C 28 -5.98 11.88 -15.23
CA GLU C 28 -5.92 10.47 -15.60
C GLU C 28 -6.54 10.19 -16.99
N ALA C 29 -7.68 10.84 -17.33
CA ALA C 29 -8.40 10.67 -18.61
C ALA C 29 -7.51 11.01 -19.82
N LYS C 30 -6.65 12.03 -19.64
CA LYS C 30 -5.73 12.58 -20.62
C LYS C 30 -4.35 11.90 -20.59
N ILE C 31 -4.03 11.07 -19.55
CA ILE C 31 -2.71 10.40 -19.47
C ILE C 31 -2.53 9.35 -20.63
N PRO C 32 -3.45 8.40 -20.95
CA PRO C 32 -3.17 7.46 -22.06
C PRO C 32 -2.93 8.14 -23.41
N ASP C 33 -3.52 9.34 -23.60
CA ASP C 33 -3.43 10.16 -24.80
C ASP C 33 -1.98 10.59 -25.14
N ILE C 34 -1.03 10.58 -24.15
CA ILE C 34 0.41 10.85 -24.34
C ILE C 34 0.97 9.83 -25.35
N LEU C 35 0.65 8.54 -25.13
CA LEU C 35 1.07 7.45 -25.99
C LEU C 35 0.49 7.55 -27.42
N SER C 36 -0.79 7.98 -27.58
CA SER C 36 -1.42 8.13 -28.90
C SER C 36 -0.76 9.24 -29.69
N SER C 37 -0.71 10.48 -29.11
CA SER C 37 -0.11 11.65 -29.75
C SER C 37 1.39 11.45 -30.07
N ALA C 38 2.09 10.57 -29.32
CA ALA C 38 3.48 10.25 -29.63
C ALA C 38 3.54 9.44 -30.93
N GLY C 39 2.76 8.37 -31.03
CA GLY C 39 2.68 7.49 -32.20
C GLY C 39 2.19 8.22 -33.43
N LYS C 40 1.31 9.21 -33.22
CA LYS C 40 0.69 10.10 -34.22
C LYS C 40 1.79 10.92 -34.94
N CYS C 41 2.78 11.44 -34.18
CA CYS C 41 3.96 12.18 -34.65
C CYS C 41 4.76 11.29 -35.59
N ILE C 42 5.05 10.05 -35.14
CA ILE C 42 5.84 9.08 -35.92
C ILE C 42 5.07 8.77 -37.20
N GLU C 43 3.74 8.56 -37.08
CA GLU C 43 2.83 8.27 -38.20
C GLU C 43 2.83 9.41 -39.23
N ALA C 44 2.98 10.68 -38.76
CA ALA C 44 3.01 11.85 -39.63
C ALA C 44 4.18 11.77 -40.65
N ILE C 45 5.42 11.59 -40.19
CA ILE C 45 6.59 11.51 -41.08
C ILE C 45 6.68 10.13 -41.76
N GLN C 46 6.53 9.04 -40.97
CA GLN C 46 6.63 7.66 -41.46
C GLN C 46 5.54 7.32 -42.49
N LEU C 47 4.27 7.62 -42.19
CA LEU C 47 3.20 7.26 -43.11
C LEU C 47 2.79 8.42 -44.03
N ASN C 48 2.50 9.60 -43.46
CA ASN C 48 1.97 10.71 -44.25
C ASN C 48 3.01 11.66 -44.85
N ASN C 49 4.29 11.56 -44.40
CA ASN C 49 5.43 12.39 -44.85
C ASN C 49 5.18 13.92 -44.66
N SER C 50 4.20 14.32 -43.83
CA SER C 50 3.92 15.74 -43.63
C SER C 50 4.54 16.28 -42.32
N LEU C 51 5.56 17.12 -42.50
CA LEU C 51 6.31 17.78 -41.44
C LEU C 51 5.44 18.80 -40.66
N GLU C 52 4.32 19.27 -41.24
CA GLU C 52 3.45 20.22 -40.54
C GLU C 52 2.46 19.50 -39.61
N ASP C 53 2.16 18.20 -39.89
CA ASP C 53 1.32 17.39 -39.01
C ASP C 53 2.16 17.04 -37.80
N PHE C 54 3.49 16.83 -38.04
CA PHE C 54 4.46 16.56 -36.99
C PHE C 54 4.56 17.77 -36.05
N ARG C 55 4.53 19.01 -36.58
CA ARG C 55 4.55 20.23 -35.77
C ARG C 55 3.36 20.21 -34.83
N LYS C 56 2.14 20.04 -35.40
CA LYS C 56 0.85 20.02 -34.73
C LYS C 56 0.81 19.05 -33.57
N TYR C 57 1.11 17.79 -33.87
CA TYR C 57 1.04 16.66 -32.95
C TYR C 57 2.17 16.69 -31.92
N SER C 58 3.38 17.19 -32.28
CA SER C 58 4.46 17.26 -31.27
C SER C 58 4.11 18.30 -30.22
N LYS C 59 3.55 19.43 -30.68
CA LYS C 59 3.07 20.53 -29.84
C LYS C 59 1.99 20.00 -28.91
N GLU C 60 1.09 19.15 -29.45
CA GLU C 60 0.00 18.47 -28.74
C GLU C 60 0.55 17.51 -27.70
N PHE C 61 1.54 16.68 -28.11
CA PHE C 61 2.19 15.67 -27.27
C PHE C 61 2.87 16.36 -26.08
N LEU C 62 3.70 17.39 -26.35
CA LEU C 62 4.44 18.13 -25.34
C LEU C 62 3.48 18.83 -24.36
N GLU C 63 2.37 19.40 -24.88
CA GLU C 63 1.33 20.07 -24.11
C GLU C 63 0.70 19.13 -23.11
N THR C 64 0.17 17.97 -23.59
CA THR C 64 -0.48 16.97 -22.73
C THR C 64 0.54 16.47 -21.70
N VAL C 65 1.79 16.22 -22.11
CA VAL C 65 2.85 15.77 -21.20
C VAL C 65 3.05 16.83 -20.10
N GLU C 66 3.19 18.12 -20.46
CA GLU C 66 3.39 19.21 -19.49
C GLU C 66 2.17 19.39 -18.56
N PHE C 67 0.94 19.34 -19.13
CA PHE C 67 -0.30 19.49 -18.40
C PHE C 67 -0.41 18.45 -17.27
N ILE C 68 -0.08 17.19 -17.57
CA ILE C 68 -0.14 16.09 -16.64
C ILE C 68 0.99 16.21 -15.61
N SER C 69 2.24 16.45 -16.05
CA SER C 69 3.43 16.58 -15.17
C SER C 69 3.20 17.59 -14.05
N THR C 70 2.92 18.87 -14.41
CA THR C 70 2.67 20.00 -13.50
C THR C 70 1.41 19.71 -12.65
N GLY C 71 0.36 19.17 -13.30
CA GLY C 71 -0.88 18.80 -12.64
C GLY C 71 -0.66 17.90 -11.44
N LEU C 72 0.21 16.88 -11.59
CA LEU C 72 0.55 15.93 -10.53
C LEU C 72 1.45 16.56 -9.47
N ARG C 73 2.42 17.40 -9.88
CA ARG C 73 3.32 18.10 -8.94
C ARG C 73 2.52 19.09 -8.10
N ARG C 74 1.41 19.61 -8.68
CA ARG C 74 0.45 20.51 -8.03
C ARG C 74 -0.26 19.76 -6.91
N GLN C 75 -0.57 18.48 -7.16
CA GLN C 75 -1.24 17.62 -6.19
C GLN C 75 -0.31 17.22 -5.03
N ALA C 76 0.93 16.73 -5.32
CA ALA C 76 1.95 16.36 -4.32
C ALA C 76 2.24 17.50 -3.34
N LEU C 77 2.13 18.76 -3.83
CA LEU C 77 2.30 19.98 -3.05
C LEU C 77 1.03 20.26 -2.24
N GLU C 78 -0.18 20.20 -2.88
CA GLU C 78 -1.47 20.44 -2.22
C GLU C 78 -1.75 19.41 -1.12
N LEU C 79 -1.09 18.23 -1.20
CA LEU C 79 -1.15 17.19 -0.18
C LEU C 79 -0.40 17.71 1.04
N GLU C 80 0.78 18.30 0.80
CA GLU C 80 1.65 18.91 1.82
C GLU C 80 1.00 20.18 2.39
N LYS C 81 0.23 20.92 1.55
CA LYS C 81 -0.50 22.13 1.94
C LYS C 81 -1.66 21.76 2.87
N ALA C 82 -2.45 20.72 2.50
CA ALA C 82 -3.55 20.19 3.30
C ALA C 82 -3.02 19.46 4.57
N GLU C 83 -1.68 19.25 4.63
CA GLU C 83 -0.88 18.61 5.69
C GLU C 83 -1.33 17.14 5.91
N VAL C 84 -1.82 16.49 4.86
CA VAL C 84 -2.30 15.10 4.88
C VAL C 84 -1.20 14.18 5.44
N PRO C 85 -1.50 13.41 6.51
CA PRO C 85 -0.47 12.51 7.07
C PRO C 85 0.02 11.46 6.07
N VAL C 86 1.29 11.05 6.23
CA VAL C 86 2.00 10.09 5.40
C VAL C 86 1.44 8.65 5.66
N VAL C 87 1.40 8.21 6.94
CA VAL C 87 1.01 6.87 7.39
C VAL C 87 -0.52 6.67 7.58
N SER C 88 -1.02 5.49 7.10
CA SER C 88 -2.38 4.99 7.28
C SER C 88 -2.45 4.60 8.74
N LEU C 89 -3.20 5.37 9.52
CA LEU C 89 -3.23 5.21 10.98
C LEU C 89 -4.16 4.13 11.49
N GLN C 90 -3.78 3.55 12.65
CA GLN C 90 -4.52 2.51 13.35
C GLN C 90 -5.91 3.06 13.68
N PRO C 91 -6.99 2.40 13.22
CA PRO C 91 -8.34 2.94 13.49
C PRO C 91 -8.71 2.92 14.95
N LYS C 92 -9.56 3.85 15.37
CA LYS C 92 -10.01 3.92 16.75
C LYS C 92 -11.14 2.89 16.94
N LYS C 93 -11.34 2.43 18.17
CA LYS C 93 -12.38 1.46 18.41
C LYS C 93 -13.55 2.08 19.17
N ARG C 94 -14.58 2.52 18.42
CA ARG C 94 -15.80 3.09 18.98
C ARG C 94 -16.70 1.94 19.41
N TYR C 95 -16.90 1.76 20.72
CA TYR C 95 -17.74 0.67 21.19
C TYR C 95 -19.20 0.98 20.95
N ALA C 96 -19.56 2.27 21.01
CA ALA C 96 -20.90 2.78 20.76
C ALA C 96 -20.85 4.19 20.20
N SER C 97 -21.75 4.51 19.26
CA SER C 97 -21.81 5.82 18.64
C SER C 97 -23.22 6.38 18.72
N THR C 98 -23.30 7.71 18.58
CA THR C 98 -24.55 8.47 18.59
C THR C 98 -25.52 7.94 17.47
N PRO C 99 -25.10 7.61 16.21
CA PRO C 99 -26.11 7.11 15.25
C PRO C 99 -26.43 5.62 15.42
N LEU C 100 -25.59 4.84 16.10
CA LEU C 100 -25.93 3.44 16.34
C LEU C 100 -27.00 3.35 17.43
N SER C 101 -26.82 4.13 18.51
CA SER C 101 -27.76 4.09 19.64
C SER C 101 -29.18 4.33 19.17
N ASN C 102 -29.44 5.42 18.42
CA ASN C 102 -30.79 5.73 17.94
C ASN C 102 -31.27 4.76 16.85
N LEU C 103 -30.30 4.03 16.22
CA LEU C 103 -30.60 3.00 15.24
C LEU C 103 -31.25 1.82 15.97
N ILE C 104 -30.67 1.41 17.11
CA ILE C 104 -31.18 0.34 17.98
C ILE C 104 -32.50 0.80 18.56
N PHE C 105 -32.52 2.04 19.11
CA PHE C 105 -33.68 2.69 19.72
C PHE C 105 -34.91 2.71 18.76
N ASP C 106 -34.69 3.02 17.45
CA ASP C 106 -35.74 3.04 16.45
C ASP C 106 -36.38 1.64 16.26
N GLN C 107 -35.57 0.61 15.94
CA GLN C 107 -36.09 -0.72 15.71
C GLN C 107 -36.67 -1.37 16.99
N SER C 108 -36.05 -1.10 18.16
CA SER C 108 -36.56 -1.67 19.42
C SER C 108 -37.93 -1.11 19.76
N SER C 109 -38.22 0.13 19.36
CA SER C 109 -39.55 0.71 19.57
C SER C 109 -40.54 0.14 18.53
N LYS C 110 -40.02 -0.15 17.32
CA LYS C 110 -40.78 -0.73 16.21
C LYS C 110 -41.28 -2.13 16.59
N LEU C 111 -40.59 -2.79 17.53
CA LEU C 111 -40.97 -4.11 17.99
C LEU C 111 -41.91 -4.06 19.21
N MET C 112 -42.09 -2.87 19.80
CA MET C 112 -42.92 -2.78 20.99
C MET C 112 -44.23 -1.99 20.73
N MET D 23 0.19 -20.74 -22.55
CA MET D 23 1.50 -20.21 -22.20
C MET D 23 1.67 -20.09 -20.67
N ASP D 24 2.44 -21.00 -20.06
CA ASP D 24 2.71 -20.97 -18.62
C ASP D 24 3.78 -19.93 -18.32
N SER D 25 3.57 -19.15 -17.24
CA SER D 25 4.49 -18.10 -16.77
C SER D 25 5.92 -18.66 -16.59
N GLN D 26 6.04 -19.83 -15.94
CA GLN D 26 7.28 -20.55 -15.70
C GLN D 26 7.94 -21.07 -17.00
N ALA D 27 7.12 -21.44 -18.01
CA ALA D 27 7.58 -21.94 -19.29
C ALA D 27 7.99 -20.78 -20.24
N TYR D 28 7.55 -19.55 -19.89
CA TYR D 28 7.87 -18.30 -20.61
C TYR D 28 9.27 -17.82 -20.26
N LYS D 29 9.69 -18.13 -19.01
CA LYS D 29 11.00 -17.83 -18.45
C LYS D 29 12.06 -18.62 -19.20
N LYS D 30 11.84 -19.93 -19.48
CA LYS D 30 12.79 -20.79 -20.20
C LYS D 30 13.18 -20.21 -21.56
N GLU D 31 12.18 -19.67 -22.34
CA GLU D 31 12.36 -19.06 -23.68
C GLU D 31 13.30 -17.86 -23.63
N LEU D 32 13.13 -17.02 -22.59
CA LEU D 32 13.92 -15.86 -22.31
C LEU D 32 15.37 -16.28 -22.05
N ILE D 33 15.61 -17.17 -21.04
CA ILE D 33 16.94 -17.69 -20.68
C ILE D 33 17.61 -18.22 -21.94
N GLU D 34 16.86 -18.99 -22.75
CA GLU D 34 17.31 -19.58 -24.01
C GLU D 34 17.98 -18.52 -24.90
N GLN D 35 17.19 -17.53 -25.38
CA GLN D 35 17.62 -16.46 -26.28
C GLN D 35 18.79 -15.65 -25.71
N ILE D 36 18.71 -15.21 -24.44
CA ILE D 36 19.77 -14.46 -23.78
C ILE D 36 21.04 -15.35 -23.71
N MET D 37 20.89 -16.69 -23.59
CA MET D 37 22.04 -17.57 -23.60
C MET D 37 22.61 -17.74 -25.02
N ILE D 38 21.74 -17.75 -26.06
CA ILE D 38 22.17 -17.82 -27.48
C ILE D 38 22.93 -16.54 -27.78
N ALA D 39 22.43 -15.42 -27.28
CA ALA D 39 23.05 -14.12 -27.43
C ALA D 39 24.43 -14.10 -26.79
N GLN D 40 24.53 -14.62 -25.55
CA GLN D 40 25.80 -14.68 -24.83
C GLN D 40 26.86 -15.47 -25.57
N THR D 41 26.59 -16.75 -25.83
CA THR D 41 27.50 -17.65 -26.54
C THR D 41 27.98 -17.02 -27.89
N GLU D 42 27.15 -16.13 -28.48
CA GLU D 42 27.48 -15.43 -29.73
C GLU D 42 28.44 -14.31 -29.44
N CYS D 43 28.10 -13.43 -28.48
CA CYS D 43 28.96 -12.34 -28.08
C CYS D 43 30.27 -12.87 -27.56
N SER D 44 30.20 -13.89 -26.68
CA SER D 44 31.39 -14.51 -26.07
C SER D 44 32.29 -15.10 -27.14
N LEU D 45 31.71 -15.73 -28.17
CA LEU D 45 32.48 -16.31 -29.26
C LEU D 45 33.26 -15.23 -30.03
N ALA D 46 32.66 -14.05 -30.17
CA ALA D 46 33.28 -12.91 -30.84
C ALA D 46 34.42 -12.37 -29.96
N LEU D 47 34.17 -12.31 -28.63
CA LEU D 47 35.13 -11.90 -27.60
C LEU D 47 36.32 -12.83 -27.63
N ASP D 48 36.06 -14.15 -27.77
CA ASP D 48 37.09 -15.17 -27.82
C ASP D 48 38.00 -14.95 -29.01
N MET D 49 37.42 -14.78 -30.20
CA MET D 49 38.24 -14.59 -31.38
C MET D 49 39.16 -13.36 -31.24
N THR D 50 38.58 -12.19 -30.90
CA THR D 50 39.34 -10.93 -30.79
C THR D 50 40.36 -10.95 -29.64
N SER D 51 40.05 -11.58 -28.48
CA SER D 51 41.00 -11.63 -27.36
C SER D 51 42.25 -12.42 -27.76
N LEU D 52 42.10 -13.45 -28.62
CA LEU D 52 43.21 -14.23 -29.16
C LEU D 52 44.04 -13.43 -30.14
N LEU D 53 43.37 -12.61 -30.95
CA LEU D 53 44.04 -11.82 -31.96
C LEU D 53 44.93 -10.76 -31.31
N LEU D 54 44.42 -10.12 -30.24
CA LEU D 54 45.08 -9.05 -29.49
C LEU D 54 46.25 -9.53 -28.64
N SER D 55 46.20 -10.78 -28.14
CA SER D 55 47.25 -11.39 -27.30
C SER D 55 48.66 -11.27 -27.93
N LYS D 56 48.73 -11.18 -29.27
CA LYS D 56 49.99 -10.97 -29.99
C LYS D 56 50.67 -9.66 -29.59
N PHE D 57 49.86 -8.62 -29.30
CA PHE D 57 50.31 -7.25 -29.06
C PHE D 57 50.14 -6.78 -27.60
N LYS D 58 49.38 -7.52 -26.75
CA LYS D 58 49.23 -7.24 -25.31
C LYS D 58 48.98 -8.53 -24.51
N GLU D 59 49.63 -8.65 -23.33
CA GLU D 59 49.51 -9.84 -22.47
C GLU D 59 48.17 -9.89 -21.75
N ASN D 60 47.76 -8.76 -21.11
CA ASN D 60 46.52 -8.58 -20.33
C ASN D 60 45.22 -8.84 -21.14
N SER D 61 45.28 -8.76 -22.49
CA SER D 61 44.16 -8.94 -23.43
C SER D 61 43.67 -10.40 -23.51
N ILE D 62 44.55 -11.38 -23.23
CA ILE D 62 44.24 -12.83 -23.26
C ILE D 62 43.30 -13.21 -22.10
N GLU D 63 43.09 -12.30 -21.12
CA GLU D 63 42.26 -12.55 -19.93
C GLU D 63 40.72 -12.56 -20.17
N THR D 64 40.26 -12.45 -21.43
CA THR D 64 38.82 -12.50 -21.71
C THR D 64 38.46 -13.75 -22.56
N ILE D 65 39.46 -14.66 -22.82
CA ILE D 65 39.22 -15.91 -23.52
C ILE D 65 38.79 -16.94 -22.51
N SER D 66 37.81 -17.76 -22.91
CA SER D 66 37.21 -18.83 -22.13
C SER D 66 38.27 -19.73 -21.50
N PRO D 67 38.05 -20.20 -20.24
CA PRO D 67 39.02 -21.10 -19.60
C PRO D 67 39.48 -22.23 -20.52
N PHE D 68 38.52 -22.88 -21.19
CA PHE D 68 38.80 -23.98 -22.10
C PHE D 68 39.77 -23.53 -23.21
N LEU D 69 39.48 -22.40 -23.86
CA LEU D 69 40.34 -21.86 -24.91
C LEU D 69 41.73 -21.57 -24.40
N LYS D 70 41.81 -21.08 -23.14
CA LYS D 70 43.05 -20.72 -22.48
C LYS D 70 43.95 -21.96 -22.35
N SER D 71 43.40 -23.07 -21.84
CA SER D 71 44.15 -24.31 -21.67
C SER D 71 44.47 -25.03 -23.00
N THR D 72 43.53 -25.03 -23.97
CA THR D 72 43.76 -25.75 -25.22
C THR D 72 44.45 -24.95 -26.32
N VAL D 73 44.23 -23.63 -26.40
CA VAL D 73 44.85 -22.84 -27.46
C VAL D 73 45.95 -21.88 -26.89
N PRO D 74 47.19 -21.90 -27.47
CA PRO D 74 48.25 -21.00 -26.97
C PRO D 74 47.99 -19.54 -27.32
N PRO D 75 48.51 -18.55 -26.53
CA PRO D 75 48.29 -17.14 -26.90
C PRO D 75 49.10 -16.77 -28.14
N SER D 76 48.62 -15.73 -28.86
CA SER D 76 49.18 -15.20 -30.13
C SER D 76 49.05 -16.26 -31.27
N SER D 77 47.93 -17.03 -31.26
CA SER D 77 47.61 -18.09 -32.23
C SER D 77 46.79 -17.58 -33.41
N LEU D 78 46.27 -16.34 -33.32
CA LEU D 78 45.51 -15.64 -34.37
C LEU D 78 46.31 -14.45 -34.84
N GLN D 79 46.45 -14.35 -36.18
CA GLN D 79 47.16 -13.30 -36.92
C GLN D 79 46.21 -12.61 -37.92
N PHE D 80 46.56 -11.39 -38.33
CA PHE D 80 45.76 -10.63 -39.28
C PHE D 80 46.63 -9.82 -40.28
N SER D 81 46.15 -9.72 -41.52
CA SER D 81 46.82 -9.01 -42.60
C SER D 81 45.92 -7.94 -43.21
N ARG D 82 46.53 -6.84 -43.70
CA ARG D 82 45.85 -5.78 -44.44
C ARG D 82 45.41 -6.41 -45.74
N SER D 83 44.15 -6.17 -46.15
CA SER D 83 43.62 -6.77 -47.39
C SER D 83 42.18 -6.33 -47.70
N GLN D 84 41.60 -7.10 -48.63
CA GLN D 84 40.26 -7.26 -49.14
C GLN D 84 39.49 -6.01 -49.43
N PRO D 85 38.46 -6.15 -50.30
CA PRO D 85 37.57 -5.00 -50.52
C PRO D 85 36.80 -4.67 -49.21
N PRO D 86 35.81 -5.43 -48.67
CA PRO D 86 35.12 -6.64 -49.18
C PRO D 86 33.97 -6.27 -50.11
N GLU D 87 33.50 -7.22 -50.93
CA GLU D 87 32.44 -6.99 -51.92
C GLU D 87 31.21 -6.31 -51.34
N SER D 88 30.58 -5.41 -52.12
CA SER D 88 29.35 -4.73 -51.70
C SER D 88 28.12 -5.53 -52.15
N LYS D 89 27.18 -5.75 -51.22
CA LYS D 89 25.97 -6.55 -51.45
C LYS D 89 24.80 -5.67 -51.88
N GLU D 90 23.96 -6.21 -52.79
CA GLU D 90 22.80 -5.55 -53.40
C GLU D 90 21.59 -5.52 -52.44
N SER D 91 21.06 -6.69 -52.08
CA SER D 91 19.90 -6.91 -51.22
C SER D 91 20.07 -6.36 -49.82
N ASP D 92 21.30 -6.37 -49.28
CA ASP D 92 21.63 -5.90 -47.93
C ASP D 92 21.22 -4.45 -47.68
N ALA D 93 21.35 -3.60 -48.71
CA ALA D 93 20.94 -2.19 -48.61
C ALA D 93 19.41 -2.07 -48.70
N THR D 94 18.72 -3.07 -49.26
CA THR D 94 17.25 -3.11 -49.37
C THR D 94 16.70 -3.64 -48.02
N LEU D 95 17.50 -4.49 -47.33
CA LEU D 95 17.20 -5.07 -46.03
C LEU D 95 17.24 -3.99 -44.98
N ALA D 96 18.28 -3.14 -45.04
CA ALA D 96 18.47 -2.01 -44.15
C ALA D 96 17.26 -1.08 -44.26
N LYS D 97 16.81 -0.77 -45.50
CA LYS D 97 15.65 0.09 -45.74
C LYS D 97 14.37 -0.55 -45.21
N CYS D 98 14.16 -1.85 -45.51
CA CYS D 98 12.98 -2.58 -45.09
C CYS D 98 12.88 -2.63 -43.58
N TRP D 99 13.92 -3.16 -42.92
CA TRP D 99 14.01 -3.33 -41.47
C TRP D 99 13.65 -2.05 -40.69
N LYS D 100 14.25 -0.88 -41.08
CA LYS D 100 13.98 0.41 -40.45
C LYS D 100 12.52 0.83 -40.63
N GLU D 101 12.03 0.77 -41.88
CA GLU D 101 10.66 1.15 -42.22
C GLU D 101 9.65 0.28 -41.48
N LYS D 102 9.93 -1.04 -41.40
CA LYS D 102 9.09 -2.02 -40.72
C LYS D 102 9.06 -1.78 -39.21
N SER D 103 10.21 -1.40 -38.62
CA SER D 103 10.30 -1.15 -37.18
C SER D 103 9.64 0.17 -36.79
N LEU D 104 9.65 1.17 -37.67
CA LEU D 104 9.04 2.47 -37.37
C LEU D 104 7.51 2.43 -37.45
N THR D 105 6.92 1.57 -38.31
CA THR D 105 5.47 1.46 -38.42
C THR D 105 4.96 0.63 -37.25
N SER D 106 5.71 -0.42 -36.86
CA SER D 106 5.41 -1.31 -35.73
C SER D 106 5.38 -0.49 -34.44
N SER D 107 6.26 0.51 -34.35
CA SER D 107 6.36 1.47 -33.25
C SER D 107 5.05 2.27 -33.10
N CYS D 108 4.44 2.70 -34.22
CA CYS D 108 3.17 3.43 -34.23
C CYS D 108 2.07 2.51 -33.72
N LYS D 109 1.94 1.31 -34.34
CA LYS D 109 0.92 0.30 -34.00
C LYS D 109 0.95 0.03 -32.52
N PHE D 110 2.15 -0.29 -31.98
CA PHE D 110 2.36 -0.57 -30.55
C PHE D 110 1.95 0.59 -29.67
N LEU D 111 2.32 1.85 -30.01
CA LEU D 111 1.97 3.02 -29.22
C LEU D 111 0.47 3.28 -29.23
N PHE D 112 -0.18 2.99 -30.39
CA PHE D 112 -1.62 3.16 -30.58
C PHE D 112 -2.38 2.03 -29.86
N GLU D 113 -1.76 0.84 -29.76
CA GLU D 113 -2.34 -0.33 -29.07
C GLU D 113 -2.35 -0.05 -27.56
N ALA D 114 -1.17 0.34 -27.03
CA ALA D 114 -0.93 0.67 -25.63
C ALA D 114 -1.78 1.85 -25.19
N LYS D 115 -2.10 2.79 -26.10
CA LYS D 115 -3.00 3.88 -25.73
C LYS D 115 -4.40 3.30 -25.53
N GLU D 116 -4.91 2.57 -26.57
CA GLU D 116 -6.24 1.96 -26.60
C GLU D 116 -6.55 1.10 -25.36
N ARG D 117 -5.59 0.26 -24.93
CA ARG D 117 -5.79 -0.56 -23.75
C ARG D 117 -5.76 0.30 -22.49
N LEU D 118 -4.76 1.18 -22.33
CA LEU D 118 -4.66 1.99 -21.13
C LEU D 118 -5.80 3.00 -21.00
N THR D 119 -6.48 3.37 -22.12
CA THR D 119 -7.62 4.29 -22.09
C THR D 119 -8.78 3.59 -21.36
N SER D 120 -9.11 2.34 -21.76
CA SER D 120 -10.15 1.51 -21.13
C SER D 120 -9.75 1.12 -19.69
N VAL D 121 -8.44 1.06 -19.41
CA VAL D 121 -7.88 0.75 -18.09
C VAL D 121 -8.16 1.93 -17.15
N VAL D 122 -8.00 3.18 -17.63
CA VAL D 122 -8.29 4.40 -16.85
C VAL D 122 -9.82 4.48 -16.66
N GLU D 123 -10.61 3.99 -17.65
CA GLU D 123 -12.08 3.97 -17.61
C GLU D 123 -12.59 3.16 -16.41
N THR D 124 -12.16 1.88 -16.31
CA THR D 124 -12.58 0.98 -15.23
C THR D 124 -12.05 1.49 -13.87
N GLU D 125 -10.91 2.19 -13.87
CA GLU D 125 -10.32 2.80 -12.69
C GLU D 125 -11.16 4.00 -12.24
N HIS D 126 -11.70 4.77 -13.20
CA HIS D 126 -12.57 5.93 -12.96
C HIS D 126 -13.82 5.51 -12.20
N GLU D 127 -14.47 4.40 -12.65
CA GLU D 127 -15.68 3.86 -12.03
C GLU D 127 -15.42 3.44 -10.59
N TYR D 128 -14.31 2.75 -10.35
CA TYR D 128 -13.91 2.27 -9.04
C TYR D 128 -13.69 3.45 -8.10
N TYR D 129 -13.03 4.51 -8.57
CA TYR D 129 -12.80 5.64 -7.70
C TYR D 129 -14.06 6.49 -7.50
N THR D 130 -15.00 6.53 -8.48
CA THR D 130 -16.27 7.29 -8.30
C THR D 130 -17.10 6.61 -7.19
N GLU D 131 -17.02 5.26 -7.10
CA GLU D 131 -17.68 4.46 -6.08
C GLU D 131 -16.99 4.65 -4.72
N LEU D 132 -15.65 4.82 -4.72
CA LEU D 132 -14.88 5.02 -3.49
C LEU D 132 -15.14 6.37 -2.85
N VAL D 133 -15.38 7.41 -3.68
CA VAL D 133 -15.68 8.78 -3.24
C VAL D 133 -16.99 8.73 -2.40
N LYS D 134 -18.00 7.96 -2.89
CA LYS D 134 -19.31 7.72 -2.27
C LYS D 134 -19.18 7.22 -0.82
N VAL D 135 -18.19 6.33 -0.57
CA VAL D 135 -17.86 5.77 0.74
C VAL D 135 -17.20 6.89 1.60
N LYS D 136 -16.33 7.74 1.00
CA LYS D 136 -15.67 8.87 1.71
C LYS D 136 -16.69 9.98 2.01
N GLU D 137 -17.62 10.22 1.06
CA GLU D 137 -18.72 11.20 1.15
C GLU D 137 -19.57 10.90 2.37
N ALA D 138 -19.84 9.60 2.61
CA ALA D 138 -20.61 9.09 3.72
C ALA D 138 -19.82 9.13 5.03
N SER D 139 -18.52 9.50 5.00
CA SER D 139 -17.62 9.63 6.16
C SER D 139 -17.20 8.27 6.82
N TRP D 140 -17.22 7.17 6.04
CA TRP D 140 -16.77 5.85 6.49
C TRP D 140 -15.24 5.78 6.51
N PRO D 141 -14.60 5.29 7.60
CA PRO D 141 -13.12 5.25 7.65
C PRO D 141 -12.52 4.28 6.64
N LEU D 142 -11.67 4.84 5.74
CA LEU D 142 -10.97 4.14 4.66
C LEU D 142 -9.49 4.09 4.97
N PHE D 143 -8.91 2.88 4.89
CA PHE D 143 -7.48 2.64 5.13
C PHE D 143 -6.82 1.71 4.12
N ASN D 144 -5.50 1.81 4.02
CA ASN D 144 -4.67 0.98 3.17
C ASN D 144 -3.72 0.18 4.06
N SER D 145 -3.64 -1.14 3.84
CA SER D 145 -2.67 -1.92 4.61
C SER D 145 -1.30 -1.66 3.98
N GLN D 146 -0.30 -1.35 4.82
CA GLN D 146 1.10 -0.99 4.50
C GLN D 146 1.68 -1.77 3.27
N GLY D 147 1.38 -3.07 3.19
CA GLY D 147 1.83 -3.95 2.12
C GLY D 147 0.81 -4.35 1.07
N SER D 148 -0.51 -4.26 1.40
CA SER D 148 -1.65 -4.64 0.54
C SER D 148 -1.78 -3.82 -0.76
N ASN D 149 -1.60 -2.47 -0.71
CA ASN D 149 -1.75 -1.52 -1.82
C ASN D 149 -3.22 -1.52 -2.37
N HIS D 150 -4.18 -1.77 -1.44
CA HIS D 150 -5.62 -1.85 -1.65
C HIS D 150 -6.38 -1.18 -0.50
N LEU D 151 -7.57 -0.60 -0.80
CA LEU D 151 -8.36 0.10 0.20
C LEU D 151 -9.33 -0.82 0.97
N SER D 152 -9.54 -0.48 2.26
CA SER D 152 -10.41 -1.19 3.18
C SER D 152 -11.21 -0.23 4.05
N VAL D 153 -12.51 -0.56 4.25
CA VAL D 153 -13.51 0.15 5.08
C VAL D 153 -13.60 -0.50 6.46
N GLN D 154 -13.76 0.33 7.50
CA GLN D 154 -14.03 -0.08 8.89
C GLN D 154 -15.54 -0.07 9.01
N TYR D 155 -16.19 -1.16 8.54
CA TYR D 155 -17.64 -1.29 8.50
C TYR D 155 -18.21 -1.35 9.91
N SER D 156 -17.47 -1.97 10.86
CA SER D 156 -17.76 -2.05 12.30
C SER D 156 -17.26 -0.77 12.93
N CYS D 157 -17.92 0.31 12.55
CA CYS D 157 -17.50 1.63 12.88
C CYS D 157 -18.26 2.17 14.05
N LEU D 158 -19.60 2.17 13.92
CA LEU D 158 -20.58 2.66 14.87
C LEU D 158 -20.49 1.99 16.24
N GLY D 159 -20.23 0.69 16.26
CA GLY D 159 -20.12 -0.03 17.51
C GLY D 159 -20.00 -1.54 17.44
N GLY D 160 -19.99 -2.13 18.64
CA GLY D 160 -19.85 -3.55 18.87
C GLY D 160 -18.54 -3.87 19.54
N ILE D 161 -18.42 -5.12 20.04
CA ILE D 161 -17.22 -5.62 20.71
C ILE D 161 -16.04 -5.58 19.73
N SER D 162 -15.98 -6.53 18.78
CA SER D 162 -14.88 -6.59 17.79
C SER D 162 -15.14 -5.65 16.66
N LEU D 163 -14.08 -4.97 16.23
CA LEU D 163 -14.21 -4.03 15.13
C LEU D 163 -13.22 -4.40 13.99
N GLY D 164 -13.79 -5.13 13.03
CA GLY D 164 -13.11 -5.60 11.84
C GLY D 164 -13.31 -4.72 10.63
N LEU D 165 -12.40 -4.87 9.65
CA LEU D 165 -12.39 -4.14 8.39
C LEU D 165 -12.61 -5.08 7.22
N GLY D 166 -13.06 -4.52 6.10
CA GLY D 166 -13.30 -5.25 4.87
C GLY D 166 -12.69 -4.51 3.71
N LEU D 167 -11.97 -5.24 2.83
CA LEU D 167 -11.31 -4.66 1.66
C LEU D 167 -12.25 -4.54 0.49
N ILE D 168 -12.09 -3.43 -0.24
CA ILE D 168 -12.87 -3.14 -1.45
C ILE D 168 -12.06 -3.62 -2.67
N ARG D 169 -12.77 -4.30 -3.59
CA ARG D 169 -12.18 -4.84 -4.82
C ARG D 169 -13.20 -4.80 -5.96
N MET D 170 -12.71 -4.90 -7.20
CA MET D 170 -13.54 -4.99 -8.38
C MET D 170 -13.99 -6.45 -8.46
N LYS D 171 -15.28 -6.71 -8.69
CA LYS D 171 -15.71 -8.11 -8.84
C LYS D 171 -15.27 -8.58 -10.25
N PRO D 172 -14.40 -9.64 -10.37
CA PRO D 172 -13.90 -10.03 -11.71
C PRO D 172 -14.96 -10.52 -12.70
N GLU D 173 -16.05 -11.15 -12.21
CA GLU D 173 -17.09 -11.74 -13.05
C GLU D 173 -18.14 -10.70 -13.53
N SER D 174 -18.99 -10.18 -12.61
CA SER D 174 -20.06 -9.24 -12.92
C SER D 174 -19.57 -7.83 -13.38
N LYS D 175 -18.25 -7.50 -13.24
CA LYS D 175 -17.63 -6.21 -13.58
C LYS D 175 -18.28 -5.07 -12.74
N SER D 176 -18.61 -5.39 -11.48
CA SER D 176 -19.21 -4.51 -10.48
C SER D 176 -18.29 -4.43 -9.23
N PHE D 177 -18.80 -3.91 -8.10
CA PHE D 177 -17.98 -3.77 -6.91
C PHE D 177 -18.61 -4.42 -5.69
N GLU D 178 -17.75 -4.81 -4.73
CA GLU D 178 -18.12 -5.48 -3.48
C GLU D 178 -17.01 -5.33 -2.40
N VAL D 179 -17.37 -5.68 -1.14
CA VAL D 179 -16.48 -5.66 0.03
C VAL D 179 -16.34 -7.11 0.54
N GLN D 180 -15.11 -7.60 0.56
CA GLN D 180 -14.77 -8.94 1.04
C GLN D 180 -14.52 -8.88 2.54
N SER D 181 -14.95 -9.89 3.30
CA SER D 181 -14.75 -9.90 4.76
C SER D 181 -14.35 -11.26 5.30
N SER D 182 -13.76 -11.26 6.51
CA SER D 182 -13.36 -12.45 7.25
C SER D 182 -14.58 -13.19 7.79
N LEU D 183 -15.71 -12.46 7.96
CA LEU D 183 -17.00 -12.94 8.47
C LEU D 183 -17.45 -14.17 7.73
N LEU D 184 -17.81 -15.19 8.50
CA LEU D 184 -18.19 -16.52 8.02
C LEU D 184 -19.64 -16.59 7.50
N TYR D 185 -20.43 -15.50 7.63
CA TYR D 185 -21.83 -15.53 7.23
C TYR D 185 -22.29 -14.43 6.30
N SER D 186 -23.38 -14.72 5.57
CA SER D 186 -24.05 -13.78 4.68
C SER D 186 -25.07 -13.02 5.50
N GLN D 187 -25.90 -13.76 6.24
CA GLN D 187 -26.92 -13.25 7.14
C GLN D 187 -26.59 -13.69 8.54
N ALA D 188 -26.89 -12.83 9.53
CA ALA D 188 -26.62 -13.05 10.96
C ALA D 188 -27.54 -12.18 11.81
N ALA D 189 -28.40 -12.81 12.63
CA ALA D 189 -29.37 -12.12 13.48
C ALA D 189 -29.83 -12.98 14.63
N LEU D 190 -29.86 -12.37 15.83
CA LEU D 190 -30.25 -12.98 17.09
C LEU D 190 -31.73 -13.40 17.07
N LYS D 191 -31.98 -14.68 17.36
CA LYS D 191 -33.32 -15.28 17.44
C LYS D 191 -33.60 -15.79 18.86
N ILE D 192 -34.48 -15.08 19.58
CA ILE D 192 -34.91 -15.47 20.91
C ILE D 192 -36.33 -16.10 20.73
N SER D 193 -36.46 -17.38 21.15
CA SER D 193 -37.68 -18.17 21.01
C SER D 193 -38.08 -18.83 22.33
N ILE D 194 -39.38 -19.21 22.43
CA ILE D 194 -39.96 -19.89 23.59
C ILE D 194 -40.24 -21.36 23.24
N LEU D 195 -40.17 -22.24 24.23
CA LEU D 195 -40.36 -23.66 23.97
C LEU D 195 -41.36 -24.33 24.90
N ASN D 196 -42.09 -25.29 24.30
CA ASN D 196 -43.11 -26.17 24.83
C ASN D 196 -42.56 -27.07 25.95
N LYS D 197 -43.45 -27.85 26.61
CA LYS D 197 -43.07 -28.90 27.58
C LYS D 197 -42.39 -30.01 26.78
N ASP D 198 -42.83 -30.12 25.50
CA ASP D 198 -42.38 -31.03 24.46
C ASP D 198 -41.25 -30.42 23.67
N ARG D 199 -40.86 -29.19 24.03
CA ARG D 199 -39.77 -28.41 23.42
C ARG D 199 -39.97 -28.18 21.89
N ASP D 200 -41.17 -27.64 21.58
CA ASP D 200 -41.67 -27.15 20.30
C ASP D 200 -41.66 -25.63 20.37
N GLU D 201 -41.45 -24.94 19.25
CA GLU D 201 -41.39 -23.48 19.25
C GLU D 201 -42.77 -22.87 19.38
N ILE D 202 -43.08 -22.40 20.60
CA ILE D 202 -44.35 -21.76 20.95
C ILE D 202 -44.41 -20.32 20.37
N GLY D 203 -43.24 -19.74 20.07
CA GLY D 203 -43.11 -18.41 19.52
C GLY D 203 -41.67 -17.93 19.47
N SER D 204 -41.32 -17.13 18.44
CA SER D 204 -39.96 -16.63 18.32
C SER D 204 -39.90 -15.21 17.79
N SER D 205 -38.67 -14.62 17.86
CA SER D 205 -38.35 -13.27 17.40
C SER D 205 -36.90 -13.21 16.89
N THR D 206 -36.74 -12.96 15.58
CA THR D 206 -35.41 -12.76 14.99
C THR D 206 -35.25 -11.27 14.77
N TRP D 207 -34.10 -10.73 15.19
CA TRP D 207 -33.81 -9.32 15.12
C TRP D 207 -33.69 -8.85 13.68
N SER D 208 -34.34 -7.75 13.36
CA SER D 208 -34.23 -7.14 12.03
C SER D 208 -33.45 -5.83 12.20
N TRP D 209 -33.45 -4.94 11.20
CA TRP D 209 -32.73 -3.66 11.27
C TRP D 209 -33.50 -2.61 10.47
N PRO D 210 -33.47 -1.30 10.83
CA PRO D 210 -34.18 -0.32 9.99
C PRO D 210 -33.46 -0.17 8.66
N SER D 211 -34.21 -0.28 7.55
CA SER D 211 -33.65 -0.20 6.19
C SER D 211 -33.11 1.18 5.90
N GLN D 212 -31.84 1.24 5.49
CA GLN D 212 -31.20 2.50 5.16
C GLN D 212 -31.14 2.60 3.65
N ASN D 213 -31.70 3.69 3.07
CA ASN D 213 -31.73 3.92 1.62
C ASN D 213 -30.32 4.16 1.07
N CYS D 214 -29.87 3.24 0.19
CA CYS D 214 -28.54 3.28 -0.41
C CYS D 214 -28.60 3.30 -1.94
N ASN D 215 -28.03 4.37 -2.50
CA ASN D 215 -27.89 4.61 -3.93
C ASN D 215 -26.64 3.88 -4.45
N SER D 216 -25.69 3.63 -3.53
CA SER D 216 -24.43 2.96 -3.80
C SER D 216 -24.52 1.50 -3.39
N VAL D 217 -24.11 0.61 -4.32
CA VAL D 217 -24.03 -0.85 -4.14
C VAL D 217 -22.86 -1.14 -3.17
N LEU D 218 -21.79 -0.33 -3.24
CA LEU D 218 -20.64 -0.44 -2.36
C LEU D 218 -21.04 -0.18 -0.88
N LEU D 219 -21.95 0.79 -0.63
CA LEU D 219 -22.42 1.14 0.71
C LEU D 219 -23.40 0.09 1.26
N LYS D 220 -24.25 -0.50 0.39
CA LYS D 220 -25.22 -1.55 0.72
C LYS D 220 -24.54 -2.67 1.48
N ASP D 221 -23.37 -3.13 0.95
CA ASP D 221 -22.49 -4.16 1.49
C ASP D 221 -22.06 -3.81 2.91
N ILE D 222 -21.50 -2.59 3.10
CA ILE D 222 -20.96 -2.05 4.37
C ILE D 222 -22.00 -2.15 5.48
N TYR D 223 -23.28 -1.80 5.19
CA TYR D 223 -24.32 -1.89 6.18
C TYR D 223 -24.58 -3.33 6.52
N LYS D 224 -24.76 -4.18 5.49
CA LYS D 224 -25.01 -5.62 5.67
C LYS D 224 -23.95 -6.26 6.52
N LEU D 225 -22.70 -5.87 6.32
CA LEU D 225 -21.56 -6.37 7.09
C LEU D 225 -21.58 -5.92 8.55
N GLN D 226 -21.89 -4.63 8.84
CA GLN D 226 -21.95 -4.16 10.23
C GLN D 226 -23.04 -4.90 10.97
N GLU D 227 -24.20 -4.97 10.32
CA GLU D 227 -25.37 -5.66 10.82
C GLU D 227 -25.03 -7.12 11.21
N ILE D 228 -24.21 -7.81 10.35
CA ILE D 228 -23.73 -9.18 10.55
C ILE D 228 -22.79 -9.24 11.74
N LEU D 229 -21.75 -8.39 11.76
CA LEU D 229 -20.79 -8.34 12.86
C LEU D 229 -21.47 -8.01 14.19
N PHE D 230 -22.33 -6.95 14.24
CA PHE D 230 -22.99 -6.54 15.49
C PHE D 230 -23.83 -7.68 16.11
N GLU D 231 -24.54 -8.45 15.26
CA GLU D 231 -25.33 -9.56 15.73
C GLU D 231 -24.40 -10.71 16.20
N MET D 232 -23.24 -10.87 15.56
CA MET D 232 -22.26 -11.85 16.02
C MET D 232 -21.75 -11.44 17.40
N ASP D 233 -21.45 -10.14 17.57
CA ASP D 233 -20.95 -9.59 18.82
C ASP D 233 -21.91 -9.86 19.97
N ILE D 234 -23.20 -9.46 19.82
CA ILE D 234 -24.25 -9.66 20.84
C ILE D 234 -24.38 -11.16 21.15
N TRP D 235 -24.25 -12.05 20.13
CA TRP D 235 -24.35 -13.48 20.34
C TRP D 235 -23.23 -13.99 21.24
N ASN D 236 -21.96 -13.67 20.94
CA ASN D 236 -20.84 -14.18 21.71
C ASN D 236 -20.81 -13.60 23.13
N SER D 237 -21.27 -12.33 23.31
CA SER D 237 -21.37 -11.74 24.66
C SER D 237 -22.44 -12.50 25.46
N LEU D 238 -23.56 -12.85 24.80
CA LEU D 238 -24.63 -13.65 25.37
C LEU D 238 -24.11 -15.05 25.72
N LEU D 239 -23.33 -15.63 24.78
CA LEU D 239 -22.70 -16.95 24.92
C LEU D 239 -21.72 -16.97 26.10
N GLN D 240 -20.99 -15.86 26.31
CA GLN D 240 -20.04 -15.74 27.42
C GLN D 240 -20.76 -15.68 28.73
N GLU D 241 -21.86 -14.92 28.79
CA GLU D 241 -22.70 -14.78 29.97
C GLU D 241 -23.24 -16.14 30.42
N ALA D 242 -23.69 -16.97 29.47
CA ALA D 242 -24.24 -18.30 29.72
C ALA D 242 -23.31 -19.13 30.60
N GLN D 243 -21.98 -19.07 30.34
CA GLN D 243 -20.94 -19.75 31.12
C GLN D 243 -20.93 -19.22 32.55
N SER D 244 -21.03 -17.88 32.70
CA SER D 244 -21.02 -17.19 33.99
C SER D 244 -22.28 -17.47 34.85
N CYS D 245 -23.40 -17.87 34.24
CA CYS D 245 -24.56 -18.13 35.08
C CYS D 245 -25.18 -19.51 34.82
N GLY D 246 -24.73 -20.47 35.62
CA GLY D 246 -25.18 -21.85 35.60
C GLY D 246 -26.11 -22.18 36.76
N ASN D 247 -26.12 -21.29 37.78
CA ASN D 247 -26.96 -21.40 38.97
C ASN D 247 -28.42 -21.10 38.60
N GLN D 248 -28.69 -20.56 37.39
CA GLN D 248 -30.04 -20.31 36.88
C GLN D 248 -30.47 -21.48 35.96
N GLY D 249 -29.68 -22.55 35.99
CA GLY D 249 -29.91 -23.75 35.21
C GLY D 249 -29.68 -23.57 33.72
N VAL D 250 -29.04 -22.44 33.33
CA VAL D 250 -28.74 -22.06 31.95
C VAL D 250 -27.72 -23.02 31.34
N ASN D 251 -28.07 -23.62 30.18
CA ASN D 251 -27.24 -24.53 29.37
C ASN D 251 -26.91 -23.84 28.07
N PHE D 252 -25.90 -24.37 27.35
CA PHE D 252 -25.45 -23.79 26.07
C PHE D 252 -24.63 -24.78 25.25
N THR D 253 -24.76 -24.70 23.93
CA THR D 253 -24.03 -25.59 23.04
C THR D 253 -23.11 -24.76 22.16
N GLY D 254 -23.16 -23.44 22.35
CA GLY D 254 -22.39 -22.52 21.52
C GLY D 254 -23.11 -22.27 20.20
N ASP D 255 -24.29 -22.90 20.08
CA ASP D 255 -25.21 -22.80 18.96
C ASP D 255 -26.54 -22.27 19.51
N GLU D 256 -26.87 -22.68 20.74
CA GLU D 256 -28.09 -22.27 21.44
C GLU D 256 -27.78 -21.93 22.90
N ILE D 257 -28.63 -21.14 23.52
CA ILE D 257 -28.58 -20.79 24.92
C ILE D 257 -29.95 -21.15 25.42
N LEU D 258 -30.05 -21.96 26.48
CA LEU D 258 -31.38 -22.35 26.95
C LEU D 258 -31.62 -21.90 28.38
N VAL D 259 -32.52 -20.95 28.57
CA VAL D 259 -32.88 -20.44 29.88
C VAL D 259 -34.15 -21.17 30.35
N PRO D 260 -34.03 -22.16 31.29
CA PRO D 260 -35.20 -22.89 31.74
C PRO D 260 -36.08 -21.97 32.57
N ILE D 261 -37.37 -21.92 32.21
CA ILE D 261 -38.36 -21.09 32.88
C ILE D 261 -39.51 -21.95 33.41
N SER D 262 -40.48 -21.30 34.03
CA SER D 262 -41.61 -21.93 34.69
C SER D 262 -42.52 -22.66 33.72
N ASP D 263 -43.11 -23.75 34.25
CA ASP D 263 -44.04 -24.67 33.63
C ASP D 263 -43.36 -25.46 32.52
N ASP D 264 -42.14 -25.96 32.84
CA ASP D 264 -41.26 -26.78 31.98
C ASP D 264 -40.98 -26.06 30.63
N HIS D 265 -41.15 -24.74 30.59
CA HIS D 265 -40.91 -23.98 29.39
C HIS D 265 -39.45 -23.59 29.32
N VAL D 266 -38.98 -23.31 28.10
CA VAL D 266 -37.57 -23.00 27.84
C VAL D 266 -37.46 -21.78 26.91
N VAL D 267 -36.45 -20.93 27.13
CA VAL D 267 -36.19 -19.81 26.25
C VAL D 267 -34.88 -20.11 25.57
N ARG D 268 -34.96 -20.36 24.26
CA ARG D 268 -33.82 -20.73 23.43
C ARG D 268 -33.31 -19.52 22.62
N ILE D 269 -32.16 -18.99 23.02
CA ILE D 269 -31.50 -17.87 22.36
C ILE D 269 -30.47 -18.44 21.38
N THR D 270 -30.54 -18.01 20.12
CA THR D 270 -29.66 -18.50 19.08
C THR D 270 -29.31 -17.43 18.05
N LEU D 271 -28.23 -17.64 17.27
CA LEU D 271 -27.81 -16.75 16.19
C LEU D 271 -28.24 -17.38 14.88
N GLU D 272 -29.24 -16.77 14.20
CA GLU D 272 -29.80 -17.28 12.95
C GLU D 272 -28.97 -16.85 11.75
N THR D 273 -28.36 -17.86 11.09
CA THR D 273 -27.47 -17.65 9.96
C THR D 273 -27.85 -18.48 8.74
N SER D 274 -27.87 -17.81 7.57
CA SER D 274 -28.20 -18.32 6.22
C SER D 274 -29.33 -19.35 6.22
N SER D 293 -55.33 -9.69 12.04
CA SER D 293 -56.06 -10.81 11.47
C SER D 293 -57.42 -10.99 12.20
N THR D 294 -57.69 -12.20 12.76
CA THR D 294 -58.91 -12.56 13.51
C THR D 294 -59.00 -11.78 14.85
N ASN D 295 -57.84 -11.61 15.54
CA ASN D 295 -57.59 -10.87 16.79
C ASN D 295 -58.49 -11.22 18.01
N PHE D 296 -59.44 -12.16 17.88
CA PHE D 296 -60.30 -12.47 19.03
C PHE D 296 -60.31 -13.97 19.41
N VAL D 297 -59.54 -14.81 18.69
CA VAL D 297 -59.44 -16.24 19.01
C VAL D 297 -58.36 -16.40 20.09
N THR D 298 -58.70 -17.07 21.22
CA THR D 298 -57.84 -17.30 22.39
C THR D 298 -56.41 -17.84 22.07
N ILE D 299 -56.25 -18.63 21.00
CA ILE D 299 -54.94 -19.18 20.60
C ILE D 299 -54.19 -18.11 19.84
N LYS D 300 -54.91 -17.34 19.01
CA LYS D 300 -54.36 -16.24 18.23
C LYS D 300 -53.93 -15.09 19.16
N GLN D 301 -54.69 -14.87 20.26
CA GLN D 301 -54.41 -13.84 21.28
C GLN D 301 -53.13 -14.17 22.04
N GLU D 302 -52.98 -15.45 22.44
CA GLU D 302 -51.83 -16.00 23.13
C GLU D 302 -50.59 -15.90 22.25
N LYS D 303 -50.72 -16.27 20.98
CA LYS D 303 -49.64 -16.22 20.01
C LYS D 303 -49.11 -14.80 19.80
N GLU D 304 -50.02 -13.81 19.76
CA GLU D 304 -49.67 -12.40 19.63
C GLU D 304 -48.87 -11.95 20.85
N LEU D 305 -49.32 -12.37 22.06
CA LEU D 305 -48.68 -12.07 23.34
C LEU D 305 -47.25 -12.54 23.34
N LEU D 306 -47.04 -13.81 22.93
CA LEU D 306 -45.72 -14.41 22.88
C LEU D 306 -44.84 -13.77 21.83
N LYS D 307 -45.45 -13.15 20.79
CA LYS D 307 -44.69 -12.42 19.80
C LYS D 307 -44.17 -11.15 20.45
N CYS D 308 -45.01 -10.47 21.26
CA CYS D 308 -44.63 -9.24 21.97
C CYS D 308 -43.53 -9.51 22.96
N LEU D 309 -43.62 -10.65 23.64
CA LEU D 309 -42.63 -11.09 24.60
C LEU D 309 -41.27 -11.20 23.93
N CYS D 310 -41.14 -12.07 22.93
CA CYS D 310 -39.90 -12.28 22.20
C CYS D 310 -39.37 -10.99 21.58
N ASP D 311 -40.27 -10.17 21.00
CA ASP D 311 -39.88 -8.90 20.38
C ASP D 311 -39.28 -7.94 21.41
N THR D 312 -39.96 -7.71 22.57
CA THR D 312 -39.43 -6.84 23.63
C THR D 312 -38.12 -7.42 24.19
N LEU D 313 -38.08 -8.76 24.40
CA LEU D 313 -36.89 -9.46 24.89
C LEU D 313 -35.69 -9.13 24.00
N ASN D 314 -35.85 -9.33 22.67
CA ASN D 314 -34.85 -9.00 21.68
C ASN D 314 -34.45 -7.52 21.81
N ALA D 315 -35.46 -6.65 21.80
CA ALA D 315 -35.32 -5.20 21.89
C ALA D 315 -34.54 -4.77 23.15
N ILE D 316 -34.93 -5.27 24.36
CA ILE D 316 -34.23 -4.98 25.62
C ILE D 316 -32.82 -5.56 25.52
N ALA D 317 -32.68 -6.83 25.05
CA ALA D 317 -31.37 -7.49 24.88
C ALA D 317 -30.39 -6.59 24.12
N HIS D 318 -30.85 -6.03 22.99
CA HIS D 318 -30.05 -5.13 22.17
C HIS D 318 -29.71 -3.82 22.92
N ILE D 319 -30.69 -3.22 23.64
CA ILE D 319 -30.51 -1.97 24.41
C ILE D 319 -29.45 -2.19 25.50
N LEU D 320 -29.54 -3.34 26.17
CA LEU D 320 -28.65 -3.70 27.25
C LEU D 320 -27.24 -3.93 26.73
N PHE D 321 -27.09 -4.56 25.55
CA PHE D 321 -25.78 -4.77 24.94
C PHE D 321 -25.19 -3.42 24.54
N LEU D 322 -26.02 -2.52 24.00
CA LEU D 322 -25.69 -1.14 23.64
C LEU D 322 -25.10 -0.44 24.87
N LYS D 323 -25.78 -0.56 26.03
CA LYS D 323 -25.37 0.02 27.30
C LYS D 323 -23.99 -0.52 27.70
N HIS D 324 -23.78 -1.83 27.51
CA HIS D 324 -22.54 -2.51 27.82
C HIS D 324 -21.42 -1.99 26.93
N CYS D 325 -21.77 -1.68 25.67
CA CYS D 325 -20.82 -1.11 24.72
C CYS D 325 -20.44 0.28 25.21
N ARG D 326 -21.43 1.13 25.55
CA ARG D 326 -21.16 2.46 26.10
C ARG D 326 -20.26 2.37 27.34
N LYS D 327 -20.47 1.33 28.19
CA LYS D 327 -19.70 1.07 29.42
C LYS D 327 -18.23 0.83 29.11
N SER D 328 -17.94 0.12 28.01
CA SER D 328 -16.59 -0.21 27.56
C SER D 328 -15.84 1.04 27.07
N ASP D 329 -16.55 2.07 26.54
CA ASP D 329 -15.93 3.33 26.09
C ASP D 329 -15.46 4.13 27.30
N ARG D 330 -16.18 4.00 28.43
CA ARG D 330 -15.87 4.62 29.73
C ARG D 330 -14.62 3.94 30.32
N ARG D 331 -14.58 2.58 30.26
CA ARG D 331 -13.50 1.72 30.73
C ARG D 331 -12.21 1.96 29.93
N SER D 332 -12.34 2.17 28.60
CA SER D 332 -11.22 2.44 27.69
C SER D 332 -10.55 3.80 27.98
N GLN D 333 -11.16 4.57 28.90
CA GLN D 333 -10.72 5.90 29.31
C GLN D 333 -10.37 5.89 30.84
N GLN D 334 -9.10 5.53 31.16
CA GLN D 334 -8.51 5.45 32.50
C GLN D 334 -7.08 5.99 32.50
N ASP D 342 -11.96 -5.19 30.86
CA ASP D 342 -13.23 -5.89 30.99
C ASP D 342 -13.12 -7.05 31.97
N ALA D 343 -14.08 -7.16 32.90
CA ALA D 343 -14.17 -8.20 33.92
C ALA D 343 -15.52 -8.94 33.85
N ASN D 344 -15.52 -10.25 34.20
CA ASN D 344 -16.68 -11.17 34.17
C ASN D 344 -17.28 -11.21 32.74
N ALA D 345 -18.59 -10.89 32.57
CA ALA D 345 -19.32 -10.87 31.29
C ALA D 345 -20.33 -9.70 31.28
N PRO D 346 -20.96 -9.31 30.13
CA PRO D 346 -21.98 -8.25 30.18
C PRO D 346 -23.15 -8.70 31.04
N LEU D 347 -23.85 -7.77 31.67
CA LEU D 347 -24.98 -8.11 32.57
C LEU D 347 -26.20 -8.63 31.79
N ILE D 348 -26.58 -7.95 30.70
CA ILE D 348 -27.72 -8.10 29.76
C ILE D 348 -28.66 -9.37 29.97
N LEU D 349 -28.12 -10.61 29.97
CA LEU D 349 -28.98 -11.79 30.07
C LEU D 349 -29.57 -12.00 31.50
N ARG D 350 -28.79 -11.80 32.55
CA ARG D 350 -29.23 -12.02 33.93
C ARG D 350 -30.26 -11.00 34.48
N PRO D 351 -30.21 -9.66 34.22
CA PRO D 351 -31.25 -8.75 34.78
C PRO D 351 -32.64 -9.06 34.22
N LEU D 352 -32.64 -9.48 32.96
CA LEU D 352 -33.78 -9.93 32.23
C LEU D 352 -34.39 -11.13 32.99
N ILE D 353 -33.60 -12.23 33.25
CA ILE D 353 -33.99 -13.42 34.05
C ILE D 353 -34.62 -12.94 35.37
N PHE D 354 -33.92 -12.04 36.05
CA PHE D 354 -34.30 -11.44 37.33
C PHE D 354 -35.71 -10.81 37.31
N TYR D 355 -35.94 -9.91 36.34
CA TYR D 355 -37.20 -9.20 36.19
C TYR D 355 -38.32 -10.17 35.89
N TYR D 356 -38.01 -11.30 35.25
CA TYR D 356 -39.00 -12.32 34.99
C TYR D 356 -39.42 -13.00 36.29
N ASN D 357 -38.44 -13.57 37.02
CA ASN D 357 -38.67 -14.28 38.26
C ASN D 357 -39.43 -13.41 39.25
N LEU D 358 -39.31 -12.06 39.10
CA LEU D 358 -40.05 -11.10 39.93
C LEU D 358 -41.54 -11.23 39.65
N ASN D 359 -41.96 -11.14 38.35
CA ASN D 359 -43.37 -11.31 37.96
C ASN D 359 -43.86 -12.61 38.58
N GLN D 360 -43.12 -13.70 38.34
CA GLN D 360 -43.41 -15.04 38.81
C GLN D 360 -43.62 -15.17 40.32
N GLU D 361 -42.65 -14.71 41.15
CA GLU D 361 -42.76 -14.81 42.60
C GLU D 361 -43.87 -13.95 43.14
N SER D 362 -44.05 -12.75 42.58
CA SER D 362 -45.11 -11.88 43.05
C SER D 362 -46.46 -12.46 42.62
N LEU D 363 -46.50 -13.19 41.49
CA LEU D 363 -47.73 -13.84 41.04
C LEU D 363 -48.07 -15.01 41.94
N GLU D 364 -47.04 -15.80 42.37
CA GLU D 364 -47.23 -16.92 43.32
C GLU D 364 -47.87 -16.40 44.61
N PHE D 365 -47.43 -15.20 45.07
CA PHE D 365 -47.94 -14.52 46.26
C PHE D 365 -49.40 -14.14 46.02
N GLN D 366 -49.68 -13.53 44.86
CA GLN D 366 -51.04 -13.13 44.50
C GLN D 366 -51.97 -14.34 44.53
N ARG D 367 -51.50 -15.52 44.08
CA ARG D 367 -52.25 -16.78 44.11
C ARG D 367 -52.57 -17.18 45.55
N TRP D 368 -51.55 -17.16 46.46
CA TRP D 368 -51.65 -17.49 47.90
C TRP D 368 -52.75 -16.64 48.53
N LEU D 369 -52.65 -15.32 48.36
CA LEU D 369 -53.57 -14.31 48.89
C LEU D 369 -54.96 -14.39 48.26
N LYS D 370 -55.08 -15.00 47.06
CA LYS D 370 -56.36 -15.17 46.41
C LYS D 370 -57.05 -16.40 46.99
N GLN D 371 -56.28 -17.52 47.12
CA GLN D 371 -56.67 -18.85 47.67
C GLN D 371 -57.31 -18.65 49.02
N ARG D 372 -56.67 -17.87 49.89
CA ARG D 372 -57.22 -17.49 51.19
C ARG D 372 -57.66 -16.06 51.00
N ASP D 373 -58.96 -15.78 50.85
CA ASP D 373 -59.42 -14.39 50.61
C ASP D 373 -58.77 -13.40 51.56
N ILE D 374 -57.81 -12.60 51.04
CA ILE D 374 -57.02 -11.57 51.75
C ILE D 374 -56.94 -10.36 50.84
N SER D 375 -57.47 -9.20 51.29
CA SER D 375 -57.41 -7.99 50.47
C SER D 375 -56.00 -7.44 50.50
N PHE D 376 -55.43 -7.21 49.32
CA PHE D 376 -54.07 -6.72 49.20
C PHE D 376 -53.96 -5.68 48.10
N LYS D 377 -53.01 -4.75 48.27
CA LYS D 377 -52.74 -3.73 47.27
C LYS D 377 -51.27 -3.90 46.86
N PHE D 378 -51.03 -4.25 45.57
CA PHE D 378 -49.69 -4.49 44.99
C PHE D 378 -49.22 -3.26 44.22
N MET D 379 -48.24 -2.51 44.77
CA MET D 379 -47.74 -1.24 44.22
C MET D 379 -46.25 -1.26 43.80
N PRO D 380 -45.94 -1.76 42.57
CA PRO D 380 -44.54 -1.77 42.14
C PRO D 380 -44.15 -0.47 41.44
N ASN D 381 -42.91 -0.02 41.68
CA ASN D 381 -42.40 1.18 41.02
C ASN D 381 -41.18 0.78 40.22
N TYR D 382 -41.47 0.52 38.95
CA TYR D 382 -40.53 0.04 37.95
C TYR D 382 -39.61 1.19 37.50
N PRO D 383 -38.28 0.98 37.55
CA PRO D 383 -37.32 2.06 37.22
C PRO D 383 -37.60 2.85 35.93
N TRP D 384 -38.05 2.15 34.88
CA TRP D 384 -38.30 2.76 33.58
C TRP D 384 -39.49 3.70 33.57
N GLU D 385 -40.50 3.42 34.42
CA GLU D 385 -41.76 4.16 34.48
C GLU D 385 -41.58 5.69 34.46
N LYS D 386 -40.57 6.23 35.18
CA LYS D 386 -40.27 7.67 35.15
C LYS D 386 -38.88 7.86 34.53
N ALA D 387 -38.85 7.98 33.19
CA ALA D 387 -37.65 8.19 32.39
C ALA D 387 -37.92 9.27 31.35
N LYS D 388 -37.05 10.29 31.27
CA LYS D 388 -37.25 11.42 30.36
C LYS D 388 -36.97 11.04 28.89
N ASP D 389 -35.87 10.30 28.61
CA ASP D 389 -35.47 9.90 27.26
C ASP D 389 -34.90 8.45 27.19
N PHE D 390 -34.54 7.99 25.97
CA PHE D 390 -34.01 6.65 25.75
C PHE D 390 -32.66 6.41 26.39
N LEU D 391 -31.83 7.46 26.50
CA LEU D 391 -30.51 7.34 27.14
C LEU D 391 -30.70 7.13 28.64
N GLU D 392 -31.83 7.63 29.17
CA GLU D 392 -32.24 7.46 30.55
C GLU D 392 -32.84 6.06 30.73
N LEU D 393 -33.74 5.64 29.80
CA LEU D 393 -34.41 4.33 29.78
C LEU D 393 -33.38 3.19 29.67
N GLU D 394 -32.27 3.45 28.98
CA GLU D 394 -31.15 2.52 28.81
C GLU D 394 -30.59 2.19 30.21
N ASN D 395 -30.36 3.22 31.03
CA ASN D 395 -29.84 3.06 32.39
C ASN D 395 -30.92 2.50 33.31
N SER D 396 -32.21 2.82 33.00
CA SER D 396 -33.41 2.39 33.73
C SER D 396 -33.55 0.86 33.76
N LEU D 397 -33.19 0.17 32.66
CA LEU D 397 -33.25 -1.28 32.59
C LEU D 397 -32.06 -1.85 33.37
N SER D 398 -32.29 -1.98 34.68
CA SER D 398 -31.33 -2.46 35.67
C SER D 398 -32.07 -2.84 36.96
N ILE D 399 -31.56 -3.89 37.63
CA ILE D 399 -32.11 -4.45 38.87
C ILE D 399 -32.06 -3.43 40.01
N ASN D 400 -31.08 -2.50 39.98
CA ASN D 400 -30.99 -1.46 41.01
C ASN D 400 -32.16 -0.46 40.83
N ARG D 401 -32.55 0.18 41.96
CA ARG D 401 -33.64 1.15 42.11
C ARG D 401 -35.02 0.47 41.90
N LEU D 402 -35.10 -0.87 42.16
CA LEU D 402 -36.33 -1.63 42.03
C LEU D 402 -36.82 -2.12 43.39
N SER D 403 -38.01 -1.61 43.77
CA SER D 403 -38.74 -1.92 45.00
C SER D 403 -40.19 -2.22 44.64
N ILE D 404 -40.85 -3.05 45.47
CA ILE D 404 -42.24 -3.43 45.27
C ILE D 404 -42.91 -3.28 46.63
N SER D 405 -43.91 -2.39 46.69
CA SER D 405 -44.61 -2.14 47.95
C SER D 405 -45.93 -2.92 47.97
N TRP D 406 -46.14 -3.72 49.02
CA TRP D 406 -47.35 -4.50 49.26
C TRP D 406 -48.01 -4.08 50.59
N ARG D 407 -49.35 -3.95 50.57
CA ARG D 407 -50.16 -3.64 51.74
C ARG D 407 -51.20 -4.71 51.77
N ILE D 408 -50.96 -5.73 52.60
CA ILE D 408 -51.87 -6.84 52.67
C ILE D 408 -52.73 -6.61 53.95
N MET D 409 -54.04 -6.93 53.83
CA MET D 409 -55.05 -6.75 54.87
C MET D 409 -55.60 -8.08 55.37
N VAL D 410 -55.09 -8.55 56.52
CA VAL D 410 -55.51 -9.80 57.18
C VAL D 410 -57.01 -9.75 57.44
N SER D 411 -57.50 -8.64 57.99
CA SER D 411 -58.91 -8.38 58.25
C SER D 411 -59.13 -6.87 58.13
N ASN D 412 -60.41 -6.45 58.03
CA ASN D 412 -60.80 -5.04 57.96
C ASN D 412 -60.73 -4.44 59.36
N PHE D 413 -60.69 -5.33 60.36
CA PHE D 413 -60.68 -5.07 61.79
C PHE D 413 -59.36 -5.51 62.41
N GLU D 414 -58.32 -5.62 61.59
CA GLU D 414 -56.96 -5.93 62.00
C GLU D 414 -55.99 -4.96 61.28
N PRO D 415 -54.86 -4.54 61.90
CA PRO D 415 -53.91 -3.64 61.21
C PRO D 415 -53.34 -4.20 59.91
N ALA D 416 -52.87 -3.30 59.04
CA ALA D 416 -52.28 -3.69 57.76
C ALA D 416 -50.86 -4.19 57.91
N ILE D 417 -50.49 -5.21 57.10
CA ILE D 417 -49.12 -5.73 57.09
C ILE D 417 -48.44 -5.17 55.84
N PHE D 418 -47.53 -4.22 56.06
CA PHE D 418 -46.81 -3.58 54.99
C PHE D 418 -45.59 -4.37 54.65
N ILE D 419 -45.49 -4.81 53.37
CA ILE D 419 -44.39 -5.61 52.86
C ILE D 419 -43.64 -4.83 51.77
N GLN D 420 -42.34 -4.60 51.99
CA GLN D 420 -41.44 -3.93 51.06
C GLN D 420 -40.51 -4.99 50.48
N HIS D 421 -40.71 -5.32 49.18
CA HIS D 421 -39.95 -6.35 48.46
C HIS D 421 -38.86 -5.74 47.58
N THR D 422 -37.62 -6.08 47.91
CA THR D 422 -36.43 -5.63 47.20
C THR D 422 -35.50 -6.83 46.97
N PRO D 423 -35.68 -7.58 45.85
CA PRO D 423 -34.78 -8.72 45.59
C PRO D 423 -33.44 -8.26 45.00
N THR D 424 -32.42 -9.11 45.16
CA THR D 424 -31.06 -8.86 44.65
C THR D 424 -30.66 -9.96 43.67
N LEU D 425 -29.84 -9.58 42.66
CA LEU D 425 -29.29 -10.43 41.59
C LEU D 425 -28.66 -11.69 42.19
N HIS D 426 -27.77 -11.50 43.18
CA HIS D 426 -27.04 -12.55 43.87
C HIS D 426 -27.66 -12.85 45.26
N GLY D 427 -27.98 -14.13 45.48
CA GLY D 427 -28.56 -14.64 46.72
C GLY D 427 -29.98 -14.18 46.95
N VAL D 432 -34.76 -9.69 51.86
CA VAL D 432 -35.40 -9.23 50.61
C VAL D 432 -36.90 -8.84 50.80
N TRP D 433 -37.58 -9.37 51.87
CA TRP D 433 -38.98 -9.07 52.21
C TRP D 433 -39.03 -8.42 53.60
N ARG D 434 -39.40 -7.12 53.70
CA ARG D 434 -39.49 -6.45 54.99
C ARG D 434 -40.97 -6.29 55.35
N CYS D 435 -41.40 -6.92 56.44
CA CYS D 435 -42.81 -6.91 56.85
C CYS D 435 -43.04 -6.18 58.17
N LYS D 436 -43.65 -4.99 58.07
CA LYS D 436 -44.00 -4.15 59.21
C LYS D 436 -45.45 -4.40 59.57
N ASP D 437 -45.68 -4.81 60.81
CA ASP D 437 -47.02 -5.02 61.34
C ASP D 437 -47.16 -4.21 62.63
N GLN D 438 -48.38 -4.18 63.20
CA GLN D 438 -48.74 -3.50 64.44
C GLN D 438 -47.66 -3.64 65.54
N TYR D 439 -46.93 -4.77 65.58
CA TYR D 439 -45.95 -5.03 66.61
C TYR D 439 -44.53 -4.74 66.17
N SER D 440 -44.08 -5.31 65.04
CA SER D 440 -42.69 -5.12 64.63
C SER D 440 -42.44 -5.26 63.14
N SER D 441 -41.24 -4.82 62.74
CA SER D 441 -40.71 -4.96 61.40
C SER D 441 -39.83 -6.22 61.38
N ASN D 442 -40.09 -7.13 60.43
CA ASN D 442 -39.36 -8.39 60.32
C ASN D 442 -38.93 -8.62 58.88
N GLN D 443 -37.67 -9.04 58.69
CA GLN D 443 -37.14 -9.31 57.35
C GLN D 443 -37.17 -10.82 57.10
N PHE D 444 -37.63 -11.24 55.90
CA PHE D 444 -37.74 -12.65 55.58
C PHE D 444 -36.92 -13.06 54.40
N SER D 445 -36.21 -14.18 54.62
CA SER D 445 -35.30 -14.93 53.76
C SER D 445 -35.95 -15.32 52.40
N SER D 446 -37.20 -15.85 52.44
CA SER D 446 -37.99 -16.38 51.32
C SER D 446 -39.47 -16.00 51.38
N LEU D 447 -40.21 -16.10 50.22
CA LEU D 447 -41.67 -15.87 50.17
C LEU D 447 -42.41 -16.93 51.02
N LYS D 448 -41.86 -18.17 51.04
CA LYS D 448 -42.32 -19.34 51.81
C LYS D 448 -42.60 -18.90 53.26
N ASN D 449 -41.58 -18.30 53.89
CA ASN D 449 -41.57 -17.76 55.25
C ASN D 449 -42.55 -16.60 55.42
N VAL D 450 -42.60 -15.65 54.44
CA VAL D 450 -43.51 -14.50 54.48
C VAL D 450 -44.94 -15.02 54.62
N CYS D 451 -45.35 -15.91 53.69
CA CYS D 451 -46.66 -16.54 53.58
C CYS D 451 -47.14 -17.17 54.89
N GLN D 452 -46.25 -17.86 55.63
CA GLN D 452 -46.64 -18.47 56.91
C GLN D 452 -46.69 -17.43 58.03
N TYR D 453 -45.95 -16.31 57.88
CA TYR D 453 -45.96 -15.21 58.86
C TYR D 453 -47.33 -14.54 58.78
N ILE D 454 -47.91 -14.43 57.57
CA ILE D 454 -49.25 -13.89 57.36
C ILE D 454 -50.27 -14.87 57.95
N GLU D 455 -50.06 -16.19 57.71
CA GLU D 455 -50.90 -17.31 58.18
C GLU D 455 -51.11 -17.21 59.70
N HIS D 456 -50.01 -16.87 60.43
CA HIS D 456 -49.99 -16.68 61.87
C HIS D 456 -50.93 -15.56 62.30
N HIS D 457 -50.91 -14.45 61.55
CA HIS D 457 -51.71 -13.24 61.79
C HIS D 457 -53.21 -13.45 61.58
N ILE D 458 -53.61 -14.42 60.74
CA ILE D 458 -55.01 -14.58 60.35
C ILE D 458 -55.75 -15.70 61.15
N ASN D 459 -55.15 -16.91 61.21
CA ASN D 459 -55.62 -18.18 61.74
C ASN D 459 -56.89 -18.17 62.66
N SER D 460 -56.80 -17.64 63.92
CA SER D 460 -57.89 -17.66 64.90
C SER D 460 -59.26 -17.23 64.34
N LEU D 461 -59.29 -16.52 63.20
CA LEU D 461 -60.52 -16.11 62.52
C LEU D 461 -61.22 -17.36 61.93
N MET E 3 4.48 7.75 44.16
CA MET E 3 4.02 7.71 42.77
C MET E 3 5.05 8.37 41.85
N GLN E 4 5.26 7.79 40.65
CA GLN E 4 6.18 8.28 39.63
C GLN E 4 5.42 8.59 38.33
N GLU E 5 5.75 9.72 37.69
CA GLU E 5 5.13 10.16 36.44
C GLU E 5 6.17 10.16 35.31
N LEU E 6 5.97 9.29 34.31
CA LEU E 6 6.82 9.14 33.12
C LEU E 6 6.16 9.93 31.98
N TYR E 7 6.86 10.94 31.42
CA TYR E 7 6.26 11.83 30.42
C TYR E 7 7.10 12.05 29.14
N LEU E 8 6.41 12.57 28.10
CA LEU E 8 6.89 13.01 26.78
C LEU E 8 6.23 14.36 26.43
N LEU E 9 7.03 15.35 25.97
CA LEU E 9 6.52 16.68 25.63
C LEU E 9 6.69 17.03 24.15
N GLY E 10 5.65 17.66 23.61
CA GLY E 10 5.55 18.13 22.23
C GLY E 10 4.75 19.42 22.14
N VAL E 11 4.67 20.02 20.93
CA VAL E 11 3.91 21.27 20.74
C VAL E 11 3.11 21.21 19.42
N VAL E 12 1.89 21.79 19.43
CA VAL E 12 0.95 21.89 18.31
C VAL E 12 0.64 23.39 18.11
N PRO E 13 0.80 23.96 16.88
CA PRO E 13 0.51 25.40 16.68
C PRO E 13 -0.98 25.72 16.81
N SER E 14 -1.32 27.03 16.91
CA SER E 14 -2.68 27.55 17.08
C SER E 14 -3.62 27.23 15.89
N ARG E 15 -3.07 27.14 14.66
CA ARG E 15 -3.86 26.87 13.44
C ARG E 15 -4.06 25.37 13.20
N ARG E 16 -3.09 24.54 13.64
CA ARG E 16 -3.09 23.10 13.47
C ARG E 16 -3.80 22.35 14.62
N PHE E 17 -4.39 23.08 15.60
CA PHE E 17 -5.09 22.48 16.75
C PHE E 17 -6.30 21.64 16.28
N GLU E 18 -7.21 22.24 15.47
CA GLU E 18 -8.41 21.59 14.95
C GLU E 18 -8.06 20.33 14.12
N ALA E 19 -6.92 20.38 13.39
CA ALA E 19 -6.40 19.29 12.55
C ALA E 19 -5.85 18.12 13.38
N VAL E 20 -4.98 18.39 14.39
CA VAL E 20 -4.34 17.42 15.28
C VAL E 20 -5.40 16.78 16.20
N VAL E 21 -6.36 17.58 16.74
CA VAL E 21 -7.44 17.08 17.60
C VAL E 21 -8.39 16.18 16.77
N ASN E 22 -8.71 16.55 15.52
CA ASN E 22 -9.56 15.74 14.63
C ASN E 22 -8.89 14.42 14.28
N SER E 23 -7.54 14.44 14.17
CA SER E 23 -6.72 13.26 13.90
C SER E 23 -6.57 12.42 15.18
N LEU E 24 -6.40 13.10 16.35
CA LEU E 24 -6.27 12.46 17.67
C LEU E 24 -7.58 11.79 18.07
N SER E 25 -8.73 12.39 17.69
CA SER E 25 -10.06 11.87 17.92
C SER E 25 -10.25 10.58 17.16
N LYS E 26 -9.86 10.57 15.86
CA LYS E 26 -9.99 9.45 14.94
C LYS E 26 -8.96 8.29 15.20
N THR E 27 -8.00 8.43 16.13
CA THR E 27 -7.03 7.35 16.39
C THR E 27 -7.15 6.73 17.79
N LEU E 28 -7.30 7.55 18.83
CA LEU E 28 -7.39 7.05 20.21
C LEU E 28 -8.79 7.30 20.80
N ASP E 29 -9.17 6.51 21.84
CA ASP E 29 -10.46 6.61 22.52
C ASP E 29 -10.59 7.96 23.27
N GLY E 30 -11.64 8.69 22.95
CA GLY E 30 -11.92 10.00 23.53
C GLY E 30 -12.63 10.94 22.57
N PRO E 31 -12.65 12.27 22.83
CA PRO E 31 -11.99 12.98 23.93
C PRO E 31 -12.85 13.13 25.19
N LYS E 32 -12.30 13.83 26.19
CA LYS E 32 -12.93 14.22 27.45
C LYS E 32 -12.49 15.66 27.74
N THR E 33 -13.45 16.57 28.00
CA THR E 33 -13.20 17.98 28.26
C THR E 33 -12.47 18.15 29.60
N ILE E 34 -11.31 18.85 29.59
CA ILE E 34 -10.49 19.10 30.77
C ILE E 34 -10.34 20.61 30.97
N LEU E 35 -10.75 21.07 32.17
CA LEU E 35 -10.66 22.45 32.64
C LEU E 35 -10.31 22.41 34.11
N GLU E 36 -9.15 23.01 34.47
CA GLU E 36 -8.61 23.03 35.82
C GLU E 36 -8.12 24.41 36.23
N PHE E 37 -8.36 24.79 37.49
CA PHE E 37 -7.88 26.04 38.08
C PHE E 37 -6.73 25.73 39.04
N TRP E 38 -5.48 26.02 38.61
CA TRP E 38 -4.27 25.77 39.38
C TRP E 38 -3.81 27.02 40.12
N VAL E 39 -3.38 26.85 41.40
CA VAL E 39 -2.82 27.91 42.25
C VAL E 39 -1.56 27.32 42.93
N VAL E 40 -0.42 28.02 42.77
CA VAL E 40 0.89 27.59 43.28
C VAL E 40 1.28 28.43 44.50
N TYR E 41 1.86 27.75 45.52
CA TYR E 41 2.32 28.35 46.77
C TYR E 41 3.79 27.95 47.02
N ARG E 42 4.66 28.95 47.30
CA ARG E 42 6.10 28.77 47.53
C ARG E 42 6.48 29.00 49.02
N PRO E 43 7.49 28.27 49.56
CA PRO E 43 7.86 28.48 50.98
C PRO E 43 8.48 29.85 51.27
N LYS E 44 8.50 30.25 52.56
CA LYS E 44 9.05 31.53 53.03
C LYS E 44 10.58 31.50 52.97
N PRO E 51 19.69 30.68 46.60
CA PRO E 51 19.10 29.69 45.69
C PRO E 51 17.69 29.28 46.10
N ARG E 52 16.92 28.66 45.17
CA ARG E 52 15.56 28.20 45.40
C ARG E 52 15.32 26.82 44.75
N GLN E 53 14.55 25.96 45.45
CA GLN E 53 14.22 24.60 45.00
C GLN E 53 12.83 24.56 44.35
N PRO E 54 12.68 24.13 43.06
CA PRO E 54 11.33 24.09 42.45
C PRO E 54 10.47 22.90 42.91
N ASP E 55 11.13 21.85 43.46
CA ASP E 55 10.52 20.62 43.98
C ASP E 55 9.84 20.84 45.35
N SER E 56 10.33 21.82 46.14
CA SER E 56 9.82 22.17 47.47
C SER E 56 8.49 22.95 47.40
N TRP E 57 8.15 23.46 46.20
CA TRP E 57 6.92 24.21 45.90
C TRP E 57 5.69 23.29 45.91
N LEU E 58 4.55 23.82 46.37
CA LEU E 58 3.27 23.10 46.43
C LEU E 58 2.35 23.62 45.31
N ARG E 59 1.70 22.70 44.59
CA ARG E 59 0.82 23.03 43.46
C ARG E 59 -0.58 22.47 43.66
N LEU E 60 -1.57 23.34 43.86
CA LEU E 60 -2.97 22.94 44.03
C LEU E 60 -3.68 22.89 42.68
N CYS E 61 -4.77 22.10 42.59
CA CYS E 61 -5.54 21.94 41.35
C CYS E 61 -7.04 21.75 41.66
N SER E 62 -7.91 22.45 40.90
CA SER E 62 -9.38 22.38 41.05
C SER E 62 -10.07 22.13 39.70
N ASN E 63 -10.67 20.92 39.52
CA ASN E 63 -11.40 20.54 38.31
C ASN E 63 -12.76 21.25 38.26
N ILE E 64 -12.86 22.30 37.41
CA ILE E 64 -14.03 23.17 37.24
C ILE E 64 -14.73 22.99 35.86
N GLU E 65 -14.47 21.87 35.14
CA GLU E 65 -15.04 21.58 33.81
C GLU E 65 -16.58 21.45 33.84
N SER E 66 -17.16 21.00 34.97
CA SER E 66 -18.60 20.81 35.17
C SER E 66 -19.19 21.82 36.17
N HIS E 67 -18.41 22.86 36.55
CA HIS E 67 -18.80 23.88 37.50
C HIS E 67 -19.34 25.15 36.82
N ASP E 68 -20.27 25.84 37.51
CA ASP E 68 -20.91 27.10 37.11
C ASP E 68 -19.89 28.23 37.22
N GLU E 69 -19.83 29.11 36.19
CA GLU E 69 -18.88 30.23 36.07
C GLU E 69 -19.27 31.47 36.93
N THR E 70 -20.57 31.70 37.18
CA THR E 70 -21.07 32.85 37.96
C THR E 70 -21.05 32.58 39.48
N ASP E 71 -20.68 31.34 39.89
CA ASP E 71 -20.60 30.91 41.29
C ASP E 71 -19.50 31.70 42.01
N THR E 72 -19.91 32.39 43.10
CA THR E 72 -19.05 33.25 43.91
C THR E 72 -18.10 32.41 44.79
N GLU E 73 -18.63 31.60 45.74
CA GLU E 73 -17.82 30.77 46.64
C GLU E 73 -17.64 29.36 46.08
N TRP E 74 -16.41 29.04 45.63
CA TRP E 74 -16.09 27.73 45.05
C TRP E 74 -14.76 27.12 45.56
N SER E 75 -13.96 27.90 46.31
CA SER E 75 -12.68 27.48 46.88
C SER E 75 -12.86 26.40 47.98
N LYS E 76 -13.97 26.45 48.73
CA LYS E 76 -14.30 25.49 49.79
C LYS E 76 -15.27 24.41 49.25
N ASN E 77 -15.86 24.68 48.05
CA ASN E 77 -16.88 23.86 47.37
C ASN E 77 -16.30 22.88 46.32
N THR E 78 -15.65 23.39 45.24
CA THR E 78 -15.08 22.55 44.18
C THR E 78 -13.88 21.75 44.74
N GLN E 79 -13.73 20.49 44.30
CA GLN E 79 -12.69 19.56 44.76
C GLN E 79 -11.28 20.07 44.43
N TRP E 80 -10.38 20.06 45.44
CA TRP E 80 -8.97 20.47 45.33
C TRP E 80 -8.03 19.29 45.60
N SER E 81 -6.85 19.31 44.93
CA SER E 81 -5.82 18.27 45.04
C SER E 81 -4.44 18.89 45.20
N MET E 82 -3.63 18.34 46.13
CA MET E 82 -2.27 18.76 46.43
C MET E 82 -1.26 17.96 45.57
N TYR E 83 -0.48 18.68 44.72
CA TYR E 83 0.53 18.09 43.83
C TYR E 83 1.93 18.62 44.14
N LEU E 84 2.89 17.70 44.36
CA LEU E 84 4.30 18.01 44.60
C LEU E 84 5.09 17.53 43.38
N GLU E 85 5.11 18.37 42.34
CA GLU E 85 5.77 18.09 41.06
C GLU E 85 7.26 18.38 41.14
N GLY E 86 8.04 17.30 41.18
CA GLY E 86 9.49 17.35 41.25
C GLY E 86 10.15 17.64 39.92
N ASN E 87 11.45 17.32 39.82
CA ASN E 87 12.23 17.52 38.61
C ASN E 87 12.54 16.17 37.97
N SER E 88 12.48 16.10 36.62
CA SER E 88 12.74 14.89 35.83
C SER E 88 14.21 14.48 35.89
N GLU E 89 14.48 13.18 35.59
CA GLU E 89 15.83 12.61 35.60
C GLU E 89 16.78 13.35 34.63
N PRO E 90 18.00 13.74 35.07
CA PRO E 90 18.91 14.46 34.16
C PRO E 90 19.55 13.54 33.11
N LYS E 91 20.06 14.15 32.01
CA LYS E 91 20.72 13.50 30.86
C LYS E 91 19.81 12.41 30.25
N ARG E 92 18.71 12.83 29.60
CA ARG E 92 17.73 11.91 29.01
C ARG E 92 17.40 12.28 27.57
N GLU E 93 17.69 11.34 26.65
CA GLU E 93 17.44 11.43 25.21
C GLU E 93 17.24 10.02 24.64
N ASP E 94 16.40 9.89 23.58
CA ASP E 94 15.99 8.65 22.90
C ASP E 94 14.99 7.86 23.78
N LYS E 95 14.82 8.32 25.04
CA LYS E 95 13.92 7.79 26.06
C LYS E 95 13.07 8.94 26.63
N CYS E 96 12.08 8.62 27.48
CA CYS E 96 11.14 9.60 28.05
C CYS E 96 11.65 10.17 29.39
N GLY E 97 11.26 11.42 29.67
CA GLY E 97 11.58 12.10 30.92
C GLY E 97 10.80 11.47 32.06
N ILE E 98 11.45 11.28 33.24
CA ILE E 98 10.81 10.63 34.39
C ILE E 98 10.90 11.53 35.64
N ARG E 99 9.75 11.89 36.25
CA ARG E 99 9.71 12.73 37.45
C ARG E 99 8.70 12.21 38.51
N PRO E 100 9.10 12.10 39.79
CA PRO E 100 8.15 11.62 40.81
C PRO E 100 7.22 12.74 41.31
N VAL E 101 5.90 12.48 41.33
CA VAL E 101 4.86 13.41 41.79
C VAL E 101 4.16 12.74 43.00
N ASN E 102 4.04 13.49 44.12
CA ASN E 102 3.41 13.02 45.36
C ASN E 102 2.00 13.64 45.47
N ARG E 103 0.96 12.80 45.26
CA ARG E 103 -0.46 13.13 45.21
C ARG E 103 -1.18 12.95 46.56
N ALA E 104 -2.11 13.88 46.86
CA ALA E 104 -2.93 13.94 48.08
C ALA E 104 -4.20 14.80 47.84
N LYS E 105 -5.38 14.15 47.88
CA LYS E 105 -6.68 14.82 47.70
C LYS E 105 -7.22 15.28 49.05
N LEU E 106 -7.93 16.42 49.09
CA LEU E 106 -8.45 16.96 50.34
C LEU E 106 -9.93 17.34 50.27
N THR E 107 -10.63 17.22 51.41
CA THR E 107 -12.02 17.60 51.61
C THR E 107 -12.10 18.15 53.05
N ASN E 108 -12.27 19.48 53.20
CA ASN E 108 -12.30 20.13 54.51
C ASN E 108 -13.22 21.36 54.50
N GLY E 109 -13.33 22.01 55.67
CA GLY E 109 -14.11 23.22 55.89
C GLY E 109 -13.60 24.39 55.07
N SER E 110 -12.28 24.67 55.15
CA SER E 110 -11.62 25.75 54.39
C SER E 110 -10.25 25.29 53.87
N VAL E 111 -10.04 25.40 52.52
CA VAL E 111 -8.83 25.01 51.77
C VAL E 111 -7.87 26.23 51.58
N THR E 112 -8.43 27.42 51.22
CA THR E 112 -7.72 28.68 50.96
C THR E 112 -7.16 29.28 52.28
N GLU E 113 -7.86 29.11 53.43
CA GLU E 113 -7.43 29.63 54.74
C GLU E 113 -6.31 28.80 55.40
N PHE E 114 -6.25 27.47 55.16
CA PHE E 114 -5.27 26.53 55.73
C PHE E 114 -3.86 26.69 55.12
N VAL E 115 -3.77 26.77 53.77
CA VAL E 115 -2.54 26.82 52.96
C VAL E 115 -1.55 27.95 53.38
N GLU E 116 -2.04 29.10 53.89
CA GLU E 116 -1.20 30.22 54.32
C GLU E 116 -0.63 30.00 55.75
N LYS E 117 -1.29 29.18 56.60
CA LYS E 117 -0.90 28.87 57.98
C LYS E 117 0.43 28.10 58.06
N MET E 118 0.72 27.28 57.03
CA MET E 118 1.91 26.44 56.91
C MET E 118 3.19 27.28 56.75
N GLY E 119 3.06 28.45 56.13
CA GLY E 119 4.15 29.37 55.86
C GLY E 119 4.40 29.58 54.38
N TYR E 120 3.48 29.05 53.54
CA TYR E 120 3.50 29.13 52.09
C TYR E 120 2.81 30.42 51.60
N GLU E 121 3.54 31.22 50.81
CA GLU E 121 3.07 32.49 50.24
C GLU E 121 2.72 32.34 48.75
N PHE E 122 1.63 33.02 48.31
CA PHE E 122 1.09 33.02 46.96
C PHE E 122 2.15 33.47 45.95
N SER E 123 2.41 32.63 44.94
CA SER E 123 3.39 32.90 43.88
C SER E 123 2.70 33.17 42.53
N HIS E 124 2.02 32.15 41.94
CA HIS E 124 1.34 32.30 40.64
C HIS E 124 0.14 31.36 40.48
N GLU E 125 -0.59 31.50 39.36
CA GLU E 125 -1.76 30.71 39.00
C GLU E 125 -1.90 30.58 37.48
N TYR E 126 -2.35 29.40 37.00
CA TYR E 126 -2.57 29.12 35.59
C TYR E 126 -3.78 28.20 35.40
N ILE E 127 -4.55 28.38 34.30
CA ILE E 127 -5.75 27.59 34.01
C ILE E 127 -5.49 26.64 32.82
N ILE E 128 -5.58 25.31 33.06
CA ILE E 128 -5.43 24.26 32.06
C ILE E 128 -6.76 24.15 31.29
N GLN E 129 -6.71 24.22 29.93
CA GLN E 129 -7.89 24.11 29.07
C GLN E 129 -7.54 23.35 27.79
N GLY E 130 -8.30 22.28 27.54
CA GLY E 130 -8.15 21.42 26.37
C GLY E 130 -8.84 20.08 26.49
N LEU E 131 -8.48 19.15 25.60
CA LEU E 131 -9.04 17.79 25.55
C LEU E 131 -8.00 16.76 25.97
N GLU E 132 -8.49 15.67 26.58
CA GLU E 132 -7.67 14.56 27.07
C GLU E 132 -8.10 13.26 26.40
N TYR E 133 -7.14 12.58 25.71
CA TYR E 133 -7.35 11.33 24.99
C TYR E 133 -6.68 10.16 25.71
N PHE E 134 -7.26 8.96 25.55
CA PHE E 134 -6.80 7.75 26.23
C PHE E 134 -6.68 6.56 25.28
N PHE E 135 -5.55 5.85 25.37
CA PHE E 135 -5.25 4.63 24.61
C PHE E 135 -4.08 3.92 25.25
N PHE E 136 -4.22 2.58 25.44
CA PHE E 136 -3.26 1.65 26.03
C PHE E 136 -3.02 1.93 27.55
N ASP E 137 -4.05 2.47 28.26
CA ASP E 137 -4.02 2.80 29.70
C ASP E 137 -2.94 3.88 30.03
N THR E 138 -2.52 4.64 29.00
CA THR E 138 -1.55 5.75 29.10
C THR E 138 -2.27 6.98 28.50
N THR E 139 -2.16 8.14 29.16
CA THR E 139 -2.89 9.34 28.74
C THR E 139 -2.04 10.31 27.91
N VAL E 140 -2.71 11.06 27.00
CA VAL E 140 -2.16 12.12 26.13
C VAL E 140 -3.11 13.33 26.28
N ARG E 141 -2.55 14.49 26.68
CA ARG E 141 -3.34 15.71 26.91
C ARG E 141 -2.83 16.86 26.04
N ILE E 142 -3.76 17.46 25.27
CA ILE E 142 -3.52 18.62 24.41
C ILE E 142 -4.20 19.80 25.12
N TYR E 143 -3.40 20.65 25.79
CA TYR E 143 -3.89 21.78 26.58
C TYR E 143 -3.29 23.12 26.18
N GLN E 144 -3.77 24.17 26.89
CA GLN E 144 -3.37 25.56 26.74
C GLN E 144 -3.55 26.26 28.09
N THR E 145 -2.48 26.91 28.59
CA THR E 145 -2.51 27.62 29.88
C THR E 145 -2.88 29.10 29.64
N LEU E 146 -3.97 29.56 30.30
CA LEU E 146 -4.53 30.91 30.18
C LEU E 146 -4.49 31.69 31.50
N ILE E 147 -4.52 33.05 31.41
CA ILE E 147 -4.52 34.00 32.53
C ILE E 147 -5.99 34.50 32.76
N PRO E 148 -6.52 34.44 34.01
CA PRO E 148 -7.91 34.89 34.22
C PRO E 148 -8.10 36.42 34.18
N SER E 149 -9.38 36.87 34.23
CA SER E 149 -9.79 38.28 34.26
C SER E 149 -9.41 38.90 35.61
N GLN E 150 -9.82 38.24 36.73
CA GLN E 150 -9.52 38.62 38.12
C GLN E 150 -8.80 37.45 38.83
N GLN E 151 -7.96 37.73 39.85
CA GLN E 151 -7.25 36.69 40.59
C GLN E 151 -8.24 35.81 41.35
N ARG E 152 -8.13 34.48 41.15
CA ARG E 152 -8.98 33.42 41.71
C ARG E 152 -10.47 33.67 41.31
N SER E 153 -10.68 33.87 40.00
CA SER E 153 -11.99 34.11 39.40
C SER E 153 -12.17 33.26 38.14
N ILE E 154 -13.32 32.59 38.08
CA ILE E 154 -13.75 31.71 37.00
C ILE E 154 -14.60 32.51 35.97
N LYS E 155 -14.55 33.87 36.05
CA LYS E 155 -15.29 34.78 35.20
C LYS E 155 -14.66 34.91 33.80
N PRO E 156 -15.37 34.45 32.73
CA PRO E 156 -14.79 34.55 31.37
C PRO E 156 -14.96 35.98 30.77
N PRO E 157 -14.24 36.41 29.70
CA PRO E 157 -13.26 35.67 28.88
C PRO E 157 -11.89 35.54 29.56
N PHE E 158 -11.10 34.52 29.14
CA PHE E 158 -9.76 34.21 29.64
C PHE E 158 -8.70 34.71 28.66
N HIS E 159 -7.69 35.44 29.17
CA HIS E 159 -6.62 36.01 28.36
C HIS E 159 -5.50 35.01 28.13
N PRO E 160 -5.08 34.75 26.87
CA PRO E 160 -3.99 33.80 26.66
C PRO E 160 -2.64 34.41 27.05
N MET E 161 -1.62 33.55 27.22
CA MET E 161 -0.25 33.93 27.59
C MET E 161 0.40 34.87 26.56
N ASN E 162 0.06 34.68 25.26
CA ASN E 162 0.55 35.48 24.14
C ASN E 162 -0.59 35.73 23.12
N GLU E 163 -0.39 36.68 22.18
CA GLU E 163 -1.37 37.08 21.14
C GLU E 163 -1.89 35.87 20.34
N GLU E 164 -0.98 34.97 19.95
CA GLU E 164 -1.31 33.74 19.25
C GLU E 164 -0.58 32.58 19.93
N GLN E 165 -1.20 32.05 21.01
CA GLN E 165 -0.65 30.99 21.85
C GLN E 165 -0.73 29.59 21.19
N PRO E 166 0.36 28.77 21.26
CA PRO E 166 0.28 27.42 20.71
C PRO E 166 -0.37 26.46 21.74
N TRP E 167 -0.40 25.15 21.43
CA TRP E 167 -1.00 24.13 22.29
C TRP E 167 0.04 23.12 22.74
N ILE E 168 0.33 23.11 24.05
CA ILE E 168 1.30 22.23 24.70
C ILE E 168 0.70 20.82 24.77
N LEU E 169 1.47 19.81 24.31
CA LEU E 169 1.07 18.41 24.31
C LEU E 169 1.86 17.63 25.34
N HIS E 170 1.14 16.99 26.30
CA HIS E 170 1.74 16.22 27.38
C HIS E 170 1.19 14.79 27.41
N VAL E 171 2.07 13.80 27.15
CA VAL E 171 1.74 12.37 27.14
C VAL E 171 2.24 11.80 28.48
N TYR E 172 1.31 11.54 29.43
CA TYR E 172 1.68 11.02 30.75
C TYR E 172 1.16 9.60 31.01
N THR E 173 2.01 8.78 31.63
CA THR E 173 1.72 7.42 32.07
C THR E 173 2.18 7.32 33.54
N HIS E 174 1.45 6.58 34.36
CA HIS E 174 1.77 6.46 35.78
C HIS E 174 2.15 5.04 36.20
N VAL E 175 3.09 4.96 37.18
CA VAL E 175 3.58 3.78 37.90
C VAL E 175 3.73 4.24 39.36
N ALA E 176 2.80 3.79 40.22
CA ALA E 176 2.71 4.14 41.63
C ALA E 176 3.92 3.67 42.46
N ASP E 177 4.65 2.63 42.00
CA ASP E 177 5.81 2.12 42.75
C ASP E 177 7.11 2.26 41.97
N ALA E 178 8.10 2.94 42.59
CA ALA E 178 9.44 3.14 42.05
C ALA E 178 10.23 1.81 42.12
N SER E 179 9.97 1.00 43.18
CA SER E 179 10.57 -0.32 43.47
C SER E 179 10.17 -1.38 42.42
N ASN E 180 8.99 -1.20 41.75
CA ASN E 180 8.46 -2.10 40.72
C ASN E 180 9.40 -2.18 39.51
N GLN E 181 9.55 -3.38 38.93
CA GLN E 181 10.44 -3.66 37.80
C GLN E 181 9.70 -3.77 36.46
N VAL E 182 8.70 -4.67 36.34
CA VAL E 182 7.91 -4.88 35.10
C VAL E 182 6.92 -3.71 34.92
N ALA E 183 6.27 -3.24 36.03
CA ALA E 183 5.32 -2.12 36.00
C ALA E 183 5.98 -0.82 35.48
N MET E 184 7.19 -0.49 36.01
CA MET E 184 7.99 0.69 35.63
C MET E 184 8.48 0.59 34.16
N ALA E 185 8.82 -0.64 33.71
CA ALA E 185 9.27 -0.96 32.36
C ALA E 185 8.13 -0.95 31.33
N LYS E 186 6.89 -1.38 31.73
CA LYS E 186 5.71 -1.44 30.84
C LYS E 186 5.19 -0.05 30.44
N ALA E 187 5.30 0.96 31.35
CA ALA E 187 4.89 2.34 31.04
C ALA E 187 5.78 2.94 29.95
N GLU E 188 7.09 2.61 29.98
CA GLU E 188 8.10 2.99 29.00
C GLU E 188 7.96 2.14 27.74
N ALA E 189 7.57 0.85 27.91
CA ALA E 189 7.35 -0.10 26.82
C ALA E 189 6.12 0.29 26.00
N ASN E 190 5.11 0.93 26.64
CA ASN E 190 3.88 1.36 25.98
C ASN E 190 4.00 2.78 25.42
N LEU E 191 4.90 3.62 25.98
CA LEU E 191 5.12 4.98 25.48
C LEU E 191 5.78 4.96 24.08
N THR E 192 6.47 3.84 23.71
CA THR E 192 7.07 3.59 22.37
C THR E 192 5.92 3.48 21.36
N LYS E 193 4.88 2.70 21.72
CA LYS E 193 3.65 2.45 20.97
C LYS E 193 2.81 3.73 20.86
N VAL E 194 2.87 4.61 21.88
CA VAL E 194 2.19 5.91 21.86
C VAL E 194 2.99 6.83 20.93
N LYS E 195 4.32 7.00 21.19
CA LYS E 195 5.26 7.83 20.40
C LYS E 195 5.14 7.51 18.92
N THR E 196 5.15 6.22 18.53
CA THR E 196 5.03 5.81 17.13
C THR E 196 3.64 6.17 16.56
N LEU E 197 2.56 6.12 17.38
CA LEU E 197 1.19 6.41 16.92
C LEU E 197 0.98 7.90 16.64
N LEU E 198 1.41 8.79 17.55
CA LEU E 198 1.23 10.23 17.33
C LEU E 198 2.34 10.85 16.46
N SER E 199 3.52 10.19 16.32
CA SER E 199 4.66 10.72 15.53
C SER E 199 4.35 10.90 14.04
N ALA E 200 3.38 10.13 13.51
CA ALA E 200 2.99 10.17 12.10
C ALA E 200 2.26 11.48 11.72
N PHE E 201 1.58 12.15 12.69
CA PHE E 201 0.82 13.39 12.47
C PHE E 201 1.17 14.54 13.46
N CYS E 202 2.08 14.27 14.41
CA CYS E 202 2.50 15.23 15.44
C CYS E 202 4.00 15.06 15.77
N ASP E 203 4.57 16.03 16.53
CA ASP E 203 5.97 16.09 16.94
C ASP E 203 6.11 15.92 18.48
N LEU E 204 6.95 14.96 18.94
CA LEU E 204 7.19 14.68 20.36
C LEU E 204 8.64 14.24 20.64
N LYS E 205 9.38 15.09 21.36
CA LYS E 205 10.79 14.88 21.73
C LYS E 205 10.94 14.88 23.27
N ASN E 206 12.19 14.82 23.79
CA ASN E 206 12.44 14.82 25.22
C ASN E 206 12.78 16.24 25.69
N VAL E 207 11.91 16.78 26.58
CA VAL E 207 12.02 18.11 27.18
C VAL E 207 12.12 17.94 28.71
N ARG E 208 13.01 18.70 29.36
CA ARG E 208 13.21 18.68 30.82
C ARG E 208 12.16 19.55 31.51
N LEU E 209 11.56 19.02 32.60
CA LEU E 209 10.54 19.70 33.41
C LEU E 209 11.05 19.95 34.83
N SER F 4 10.54 13.52 11.97
CA SER F 4 9.59 14.59 12.30
C SER F 4 8.49 14.72 11.25
N PHE F 5 7.33 15.27 11.65
CA PHE F 5 6.15 15.44 10.78
C PHE F 5 6.42 16.36 9.58
N GLN F 6 7.10 17.50 9.77
CA GLN F 6 7.36 18.40 8.63
C GLN F 6 8.27 17.75 7.60
N ARG F 7 9.35 17.06 8.06
CA ARG F 7 10.30 16.32 7.21
C ARG F 7 9.58 15.23 6.43
N GLN F 8 8.61 14.55 7.07
CA GLN F 8 7.77 13.52 6.46
C GLN F 8 6.98 14.11 5.29
N LEU F 9 6.31 15.27 5.51
CA LEU F 9 5.50 16.00 4.50
C LEU F 9 6.35 16.37 3.29
N VAL F 10 7.59 16.83 3.56
CA VAL F 10 8.60 17.24 2.59
C VAL F 10 9.02 16.00 1.78
N GLN F 11 9.44 14.93 2.47
CA GLN F 11 9.90 13.67 1.86
C GLN F 11 8.86 13.01 0.97
N ARG F 12 7.57 13.03 1.38
CA ARG F 12 6.51 12.44 0.57
C ARG F 12 6.39 13.23 -0.75
N THR F 13 6.41 14.60 -0.69
CA THR F 13 6.35 15.51 -1.86
C THR F 13 7.57 15.26 -2.79
N ASN F 14 8.78 15.18 -2.20
CA ASN F 14 10.06 14.94 -2.88
C ASN F 14 10.05 13.65 -3.68
N THR F 15 9.74 12.52 -3.02
CA THR F 15 9.70 11.21 -3.67
C THR F 15 8.63 11.19 -4.76
N LEU F 16 7.48 11.85 -4.52
CA LEU F 16 6.40 11.92 -5.51
C LEU F 16 6.86 12.67 -6.75
N ASN F 17 7.43 13.87 -6.55
CA ASN F 17 7.95 14.73 -7.61
C ASN F 17 8.97 13.99 -8.47
N SER F 18 9.99 13.38 -7.83
CA SER F 18 11.08 12.63 -8.47
C SER F 18 10.55 11.52 -9.41
N SER F 19 9.61 10.69 -8.92
CA SER F 19 9.01 9.61 -9.72
C SER F 19 8.25 10.20 -10.91
N ILE F 20 7.58 11.40 -10.74
CA ILE F 20 6.86 12.13 -11.82
C ILE F 20 7.90 12.62 -12.84
N ASP F 21 8.99 13.24 -12.34
CA ASP F 21 10.10 13.80 -13.12
C ASP F 21 10.77 12.75 -13.98
N ASN F 22 11.22 11.64 -13.37
CA ASN F 22 11.88 10.55 -14.10
C ASN F 22 10.95 9.97 -15.18
N ALA F 23 9.65 9.83 -14.88
CA ALA F 23 8.67 9.35 -15.84
C ALA F 23 8.48 10.34 -17.01
N THR F 24 8.30 11.67 -16.70
CA THR F 24 8.11 12.71 -17.72
C THR F 24 9.38 12.89 -18.56
N LEU F 25 10.55 12.63 -17.96
CA LEU F 25 11.81 12.74 -18.67
C LEU F 25 11.90 11.61 -19.66
N THR F 26 11.83 10.36 -19.16
CA THR F 26 11.88 9.14 -19.97
C THR F 26 10.96 9.25 -21.21
N ILE F 27 9.69 9.73 -21.04
CA ILE F 27 8.72 9.90 -22.14
C ILE F 27 9.35 10.78 -23.21
N LEU F 28 9.85 11.95 -22.81
CA LEU F 28 10.46 12.92 -23.71
C LEU F 28 11.79 12.43 -24.27
N SER F 29 12.67 11.92 -23.38
CA SER F 29 14.01 11.44 -23.74
C SER F 29 13.92 10.27 -24.75
N ARG F 30 13.21 9.18 -24.41
CA ARG F 30 13.08 8.00 -25.28
C ARG F 30 12.40 8.33 -26.61
N PHE F 31 11.41 9.25 -26.62
CA PHE F 31 10.77 9.65 -27.87
C PHE F 31 11.80 10.30 -28.80
N GLN F 32 12.63 11.20 -28.24
CA GLN F 32 13.70 11.88 -28.97
C GLN F 32 14.71 10.84 -29.48
N ASP F 33 15.09 9.86 -28.61
CA ASP F 33 16.02 8.78 -28.93
C ASP F 33 15.59 8.09 -30.22
N ILE F 34 14.27 7.78 -30.37
CA ILE F 34 13.65 7.18 -31.57
C ILE F 34 13.91 8.07 -32.78
N LEU F 35 13.61 9.37 -32.67
CA LEU F 35 13.81 10.33 -33.77
C LEU F 35 15.26 10.40 -34.23
N ASP F 36 16.23 10.29 -33.30
CA ASP F 36 17.67 10.32 -33.61
C ASP F 36 18.06 9.08 -34.44
N ILE F 37 17.47 7.94 -34.11
CA ILE F 37 17.72 6.65 -34.75
C ILE F 37 16.88 6.52 -36.03
N ALA F 38 15.73 7.22 -36.13
CA ALA F 38 14.79 7.15 -37.26
C ALA F 38 15.44 7.24 -38.66
N ILE F 39 16.56 7.98 -38.77
CA ILE F 39 17.40 8.20 -39.97
C ILE F 39 18.01 6.86 -40.41
N ASN F 40 17.92 6.55 -41.70
CA ASN F 40 18.43 5.26 -42.14
C ASN F 40 19.42 5.32 -43.30
N GLU F 41 19.12 6.14 -44.33
CA GLU F 41 19.94 6.22 -45.54
C GLU F 41 21.41 6.40 -45.19
N GLY F 42 22.23 5.52 -45.78
CA GLY F 42 23.67 5.49 -45.58
C GLY F 42 24.14 4.39 -44.66
N LYS F 43 23.20 3.84 -43.86
CA LYS F 43 23.48 2.82 -42.85
C LYS F 43 23.46 1.42 -43.43
N ASP F 44 24.36 0.61 -42.89
CA ASP F 44 24.64 -0.78 -43.18
C ASP F 44 23.62 -1.69 -42.49
N LYS F 45 23.20 -2.78 -43.16
CA LYS F 45 22.19 -3.70 -42.57
C LYS F 45 22.57 -4.15 -41.14
N TYR F 46 23.87 -4.40 -40.88
CA TYR F 46 24.43 -4.79 -39.58
C TYR F 46 24.29 -3.66 -38.55
N THR F 47 24.26 -2.40 -39.04
CA THR F 47 24.13 -1.22 -38.19
C THR F 47 22.63 -0.86 -37.95
N VAL F 48 21.73 -1.26 -38.89
CA VAL F 48 20.28 -1.03 -38.79
C VAL F 48 19.63 -2.09 -37.86
N ALA F 49 19.97 -3.39 -38.02
CA ALA F 49 19.45 -4.47 -37.18
C ALA F 49 19.45 -4.10 -35.66
N PRO F 50 20.52 -3.54 -35.03
CA PRO F 50 20.42 -3.18 -33.59
C PRO F 50 19.53 -1.95 -33.35
N GLU F 51 19.45 -1.04 -34.34
CA GLU F 51 18.60 0.14 -34.29
C GLU F 51 17.13 -0.30 -34.17
N VAL F 52 16.77 -1.41 -34.87
CA VAL F 52 15.46 -2.04 -34.89
C VAL F 52 15.10 -2.38 -33.45
N TYR F 53 16.05 -3.02 -32.71
CA TYR F 53 15.87 -3.39 -31.29
C TYR F 53 15.71 -2.14 -30.46
N GLN F 54 16.63 -1.17 -30.63
CA GLN F 54 16.64 0.10 -29.93
C GLN F 54 15.28 0.77 -30.02
N ILE F 55 14.80 0.99 -31.26
CA ILE F 55 13.52 1.64 -31.59
C ILE F 55 12.37 0.91 -30.87
N GLU F 56 12.39 -0.42 -30.85
CA GLU F 56 11.34 -1.15 -30.15
C GLU F 56 11.49 -0.99 -28.61
N CYS F 57 12.70 -1.30 -28.09
CA CYS F 57 13.11 -1.18 -26.71
C CYS F 57 12.69 0.20 -26.12
N HIS F 58 12.84 1.27 -26.92
CA HIS F 58 12.49 2.65 -26.55
C HIS F 58 11.00 2.88 -26.44
N THR F 59 10.20 2.40 -27.40
CA THR F 59 8.74 2.56 -27.41
C THR F 59 8.17 1.85 -26.16
N VAL F 60 8.73 0.68 -25.80
CA VAL F 60 8.35 -0.10 -24.65
C VAL F 60 8.58 0.74 -23.40
N SER F 61 9.76 1.42 -23.34
CA SER F 61 10.16 2.27 -22.22
C SER F 61 9.17 3.42 -22.06
N MET F 62 8.70 4.00 -23.18
CA MET F 62 7.74 5.11 -23.21
C MET F 62 6.43 4.71 -22.55
N VAL F 63 5.91 3.51 -22.89
CA VAL F 63 4.68 2.95 -22.33
C VAL F 63 4.83 2.79 -20.81
N ARG F 64 5.90 2.11 -20.37
CA ARG F 64 6.22 1.89 -18.97
C ARG F 64 6.33 3.20 -18.19
N ALA F 65 6.80 4.27 -18.83
CA ALA F 65 6.92 5.58 -18.22
C ALA F 65 5.53 6.22 -18.02
N VAL F 66 4.57 5.96 -18.95
CA VAL F 66 3.19 6.45 -18.84
C VAL F 66 2.48 5.67 -17.70
N GLU F 67 2.70 4.32 -17.67
CA GLU F 67 2.17 3.41 -16.65
C GLU F 67 2.72 3.82 -15.29
N GLN F 68 3.97 4.32 -15.23
CA GLN F 68 4.59 4.84 -14.01
C GLN F 68 3.79 6.02 -13.45
N LEU F 69 3.28 6.90 -14.34
CA LEU F 69 2.47 8.07 -13.99
C LEU F 69 1.13 7.65 -13.38
N LEU F 70 0.60 6.50 -13.84
CA LEU F 70 -0.66 5.95 -13.37
C LEU F 70 -0.48 5.35 -11.97
N ASP F 71 0.72 4.83 -11.68
CA ASP F 71 1.07 4.28 -10.36
C ASP F 71 1.18 5.42 -9.34
N VAL F 72 1.64 6.59 -9.77
CA VAL F 72 1.80 7.80 -8.97
C VAL F 72 0.41 8.43 -8.68
N SER F 73 -0.45 8.59 -9.71
CA SER F 73 -1.81 9.14 -9.55
C SER F 73 -2.66 8.26 -8.60
N ARG F 74 -2.49 6.92 -8.66
CA ARG F 74 -3.13 5.97 -7.77
C ARG F 74 -2.67 6.22 -6.32
N GLN F 75 -1.37 6.48 -6.08
CA GLN F 75 -0.87 6.78 -4.72
C GLN F 75 -1.57 8.02 -4.20
N ILE F 76 -1.48 9.14 -4.96
CA ILE F 76 -2.06 10.44 -4.65
C ILE F 76 -3.57 10.32 -4.28
N LYS F 77 -4.35 9.54 -5.05
CA LYS F 77 -5.77 9.29 -4.75
C LYS F 77 -5.95 8.60 -3.41
N SER F 78 -5.16 7.54 -3.13
CA SER F 78 -5.17 6.80 -1.88
C SER F 78 -4.71 7.70 -0.71
N TYR F 79 -3.83 8.70 -0.99
CA TYR F 79 -3.40 9.66 0.04
C TYR F 79 -4.54 10.64 0.34
N TRP F 80 -5.41 10.92 -0.66
CA TRP F 80 -6.56 11.81 -0.45
C TRP F 80 -7.73 11.07 0.22
N LEU F 81 -7.66 9.73 0.33
CA LEU F 81 -8.71 8.96 0.99
C LEU F 81 -8.20 8.46 2.37
N THR F 82 -6.91 8.71 2.70
CA THR F 82 -6.27 8.39 3.99
C THR F 82 -6.33 9.58 4.97
N ASN F 83 -6.63 10.81 4.49
CA ASN F 83 -6.74 11.95 5.38
C ASN F 83 -8.05 11.85 6.18
N SER F 84 -7.97 12.19 7.48
CA SER F 84 -9.06 12.11 8.45
C SER F 84 -10.22 13.08 8.14
N LEU F 85 -11.44 12.54 8.11
CA LEU F 85 -12.68 13.30 7.93
C LEU F 85 -13.08 13.89 9.28
N SER F 86 -13.79 15.02 9.27
CA SER F 86 -14.20 15.73 10.48
C SER F 86 -15.23 14.97 11.33
N THR F 87 -16.27 14.39 10.70
CA THR F 87 -17.34 13.68 11.43
C THR F 87 -17.59 12.26 10.92
N SER F 88 -18.38 11.49 11.71
CA SER F 88 -18.85 10.16 11.35
C SER F 88 -20.08 10.30 10.48
N PHE F 89 -20.56 9.18 9.94
CA PHE F 89 -21.68 9.17 9.01
C PHE F 89 -23.03 9.18 9.68
N PRO F 90 -24.00 9.87 9.06
CA PRO F 90 -25.34 9.84 9.64
C PRO F 90 -26.06 8.57 9.21
N THR F 91 -27.21 8.33 9.84
CA THR F 91 -28.08 7.19 9.60
C THR F 91 -29.51 7.70 9.39
N VAL F 92 -30.40 6.83 8.89
CA VAL F 92 -31.82 7.09 8.68
C VAL F 92 -32.52 6.63 10.02
N ASP F 93 -32.41 7.50 11.08
CA ASP F 93 -33.00 7.28 12.40
C ASP F 93 -34.50 7.56 12.31
N TYR F 94 -34.92 7.99 11.09
CA TYR F 94 -36.31 8.21 10.67
C TYR F 94 -37.05 6.92 11.03
N SER F 95 -38.23 7.12 11.63
CA SER F 95 -39.09 6.18 12.33
C SER F 95 -38.56 6.24 13.77
N GLU F 96 -38.32 7.51 14.19
CA GLU F 96 -37.83 8.00 15.47
C GLU F 96 -38.58 7.30 16.61
N PRO F 97 -37.87 6.90 17.67
CA PRO F 97 -38.52 6.12 18.72
C PRO F 97 -39.52 6.85 19.62
N ASP F 98 -40.67 6.18 19.85
CA ASP F 98 -41.75 6.62 20.73
C ASP F 98 -41.49 5.98 22.09
N LEU F 99 -40.99 6.79 23.05
CA LEU F 99 -40.63 6.35 24.40
C LEU F 99 -41.83 5.82 25.17
N GLU F 100 -42.98 6.46 25.02
CA GLU F 100 -44.16 6.05 25.79
C GLU F 100 -44.74 4.72 25.29
N LYS F 101 -44.54 4.36 24.00
CA LYS F 101 -44.98 3.07 23.46
C LYS F 101 -44.24 1.97 24.21
N VAL F 102 -42.91 2.13 24.31
CA VAL F 102 -41.91 1.28 24.94
C VAL F 102 -42.24 1.12 26.43
N LYS F 103 -42.46 2.25 27.15
CA LYS F 103 -42.75 2.20 28.59
C LYS F 103 -43.99 1.36 28.91
N ARG F 104 -45.07 1.56 28.14
CA ARG F 104 -46.34 0.87 28.34
C ARG F 104 -46.20 -0.63 28.13
N THR F 105 -45.59 -1.05 27.00
CA THR F 105 -45.35 -2.46 26.66
C THR F 105 -44.47 -3.13 27.73
N LEU F 106 -43.45 -2.40 28.22
CA LEU F 106 -42.54 -2.85 29.26
C LEU F 106 -43.27 -3.17 30.55
N THR F 107 -44.06 -2.22 31.08
CA THR F 107 -44.82 -2.45 32.31
C THR F 107 -45.94 -3.48 32.05
N LYS F 108 -46.61 -3.41 30.87
CA LYS F 108 -47.68 -4.35 30.50
C LYS F 108 -47.18 -5.79 30.64
N LEU F 109 -45.96 -6.06 30.16
CA LEU F 109 -45.39 -7.40 30.25
C LEU F 109 -44.94 -7.72 31.66
N GLN F 110 -44.32 -6.74 32.35
CA GLN F 110 -43.82 -6.89 33.71
C GLN F 110 -44.96 -7.14 34.71
N ASN F 111 -46.18 -6.68 34.37
CA ASN F 111 -47.35 -6.83 35.21
C ASN F 111 -48.32 -7.82 34.60
N HIS F 112 -47.78 -8.74 33.78
CA HIS F 112 -48.64 -9.70 33.13
C HIS F 112 -49.17 -10.74 34.11
N LEU F 113 -50.53 -10.70 34.26
CA LEU F 113 -51.45 -11.49 35.08
C LEU F 113 -51.57 -10.95 36.51
N LEU F 114 -50.83 -9.86 36.84
CA LEU F 114 -50.78 -9.24 38.15
C LEU F 114 -51.79 -8.10 38.32
N GLU F 115 -52.35 -7.97 39.54
CA GLU F 115 -53.30 -6.92 39.90
C GLU F 115 -52.53 -5.68 40.36
N VAL F 116 -52.79 -4.55 39.71
CA VAL F 116 -52.17 -3.25 39.98
C VAL F 116 -52.79 -2.62 41.24
N SER F 117 -52.02 -1.73 41.90
CA SER F 117 -52.27 -1.00 43.16
C SER F 117 -53.46 -0.03 43.18
N LEU F 118 -54.03 0.29 41.99
CA LEU F 118 -55.05 1.33 41.73
C LEU F 118 -54.28 2.68 41.82
N ILE F 119 -52.94 2.60 41.55
CA ILE F 119 -51.88 3.61 41.57
C ILE F 119 -51.82 4.22 43.00
N GLU F 120 -51.88 3.37 44.06
CA GLU F 120 -51.86 3.78 45.46
C GLU F 120 -50.43 3.95 45.94
#